data_5CJ4
#
_entry.id   5CJ4
#
_cell.length_a   83.145
_cell.length_b   57.285
_cell.length_c   112.100
_cell.angle_alpha   90.000
_cell.angle_beta   99.860
_cell.angle_gamma   90.000
#
_symmetry.space_group_name_H-M   'P 1 21 1'
#
loop_
_entity.id
_entity.type
_entity.pdbx_description
1 polymer 'Xrcc4-MYH7-(1562-1622) chimera protein'
2 water water
#
_entity_poly.entity_id   1
_entity_poly.type   'polypeptide(L)'
_entity_poly.pdbx_seq_one_letter_code
;GGSGER(MLY)ISRIHLVSEPSITHFLQVSWE(MLY)TLESGFVITLTDGHSAWTGTVSESEISQEADDMAME(MLY)G
(MLY)YVGELR(MLY)ALLSGAGPADVYTFNFS(MLY)ESCYFFFE(MLY)NL(MLY)DVSFRLGSFNLE(MLY)VENPA
EVIRELICYCLDTTAENQA(MLY)NEHLQLEFNQI(MLY)AEIER(MLY)LAE(MLY)DEEMEQA(MLY)RNHLRVVDSL
QTSLDAETRSRNEALRV(MLY)(MLY)(MLY)MEGDL
;
_entity_poly.pdbx_strand_id   A,B,C,D
#
# COMPACT_ATOMS: atom_id res chain seq x y z
N GLY A 4 -0.81 -26.62 6.61
CA GLY A 4 0.20 -26.30 5.61
C GLY A 4 -0.39 -26.14 4.23
N GLU A 5 0.41 -25.61 3.31
CA GLU A 5 -0.04 -25.39 1.94
C GLU A 5 0.73 -26.24 0.95
N ARG A 6 0.27 -26.25 -0.30
CA ARG A 6 0.97 -26.96 -1.36
C ARG A 6 0.70 -26.29 -2.70
N MLY A 7 1.48 -26.67 -3.71
CA MLY A 7 1.25 -26.20 -5.07
CB MLY A 7 2.05 -24.92 -5.34
CG MLY A 7 2.11 -24.53 -6.81
CD MLY A 7 0.84 -23.82 -7.26
CE MLY A 7 0.84 -23.63 -8.77
NZ MLY A 7 -0.18 -22.63 -9.23
CH1 MLY A 7 -0.29 -22.78 -10.69
CH2 MLY A 7 -1.47 -23.01 -8.67
C MLY A 7 1.64 -27.29 -6.05
O MLY A 7 2.72 -27.87 -5.93
N ILE A 8 0.76 -27.58 -6.99
CA ILE A 8 0.98 -28.64 -7.95
C ILE A 8 1.16 -28.05 -9.34
N SER A 9 2.39 -28.06 -9.84
CA SER A 9 2.67 -27.53 -11.17
C SER A 9 3.00 -28.67 -12.13
N ARG A 10 2.93 -28.40 -13.43
CA ARG A 10 3.26 -29.40 -14.43
C ARG A 10 4.51 -28.96 -15.17
N ILE A 11 5.51 -29.84 -15.19
CA ILE A 11 6.79 -29.51 -15.78
C ILE A 11 7.17 -30.48 -16.88
N HIS A 12 7.99 -30.01 -17.81
CA HIS A 12 8.51 -30.86 -18.87
C HIS A 12 10.00 -31.03 -18.67
N LEU A 13 10.40 -32.28 -18.48
CA LEU A 13 11.80 -32.64 -18.34
C LEU A 13 12.48 -32.62 -19.69
N VAL A 14 13.79 -32.41 -19.69
CA VAL A 14 14.56 -32.45 -20.93
C VAL A 14 14.57 -33.89 -21.42
N SER A 15 14.56 -34.82 -20.48
CA SER A 15 14.33 -36.24 -20.79
C SER A 15 12.83 -36.44 -20.95
N GLU A 16 12.41 -37.05 -22.06
CA GLU A 16 10.99 -37.24 -22.36
C GLU A 16 10.19 -35.94 -22.36
N PRO A 17 10.54 -35.01 -23.26
CA PRO A 17 9.80 -33.74 -23.35
C PRO A 17 8.35 -33.92 -23.81
N SER A 18 8.06 -35.06 -24.44
CA SER A 18 6.72 -35.36 -24.92
C SER A 18 5.75 -35.59 -23.76
N ILE A 19 6.27 -36.16 -22.67
CA ILE A 19 5.44 -36.48 -21.51
C ILE A 19 5.44 -35.36 -20.46
N THR A 20 4.24 -34.93 -20.07
CA THR A 20 4.08 -33.95 -19.00
C THR A 20 4.21 -34.59 -17.62
N HIS A 21 5.15 -34.11 -16.83
CA HIS A 21 5.29 -34.57 -15.45
C HIS A 21 4.62 -33.60 -14.49
N PHE A 22 4.22 -34.09 -13.32
CA PHE A 22 3.59 -33.24 -12.33
C PHE A 22 4.52 -33.11 -11.14
N LEU A 23 4.67 -31.88 -10.67
CA LEU A 23 5.54 -31.58 -9.55
C LEU A 23 4.71 -31.04 -8.40
N GLN A 24 4.76 -31.70 -7.25
CA GLN A 24 3.95 -31.29 -6.12
C GLN A 24 4.81 -30.81 -4.96
N VAL A 25 4.76 -29.51 -4.68
CA VAL A 25 5.58 -28.96 -3.61
C VAL A 25 4.73 -28.51 -2.43
N SER A 26 5.02 -29.05 -1.25
CA SER A 26 4.29 -28.69 -0.04
C SER A 26 5.24 -28.19 1.03
N TRP A 27 4.80 -27.17 1.75
CA TRP A 27 5.60 -26.54 2.79
C TRP A 27 4.72 -26.14 3.96
N GLU A 28 5.32 -25.93 5.12
CA GLU A 28 4.56 -25.59 6.31
C GLU A 28 4.14 -24.12 6.31
N MLY A 29 5.08 -23.24 6.64
CA MLY A 29 4.78 -21.82 6.73
CB MLY A 29 5.11 -21.27 8.12
CG MLY A 29 6.57 -21.40 8.52
CD MLY A 29 6.75 -21.26 10.03
CE MLY A 29 6.09 -20.00 10.56
NZ MLY A 29 6.15 -19.94 12.04
CH1 MLY A 29 7.47 -19.42 12.41
CH2 MLY A 29 5.17 -18.94 12.46
C MLY A 29 5.51 -21.01 5.65
O MLY A 29 5.05 -19.95 5.22
N THR A 30 6.65 -21.54 5.21
CA THR A 30 7.42 -20.94 4.13
C THR A 30 8.38 -21.97 3.55
N LEU A 31 8.82 -21.75 2.31
CA LEU A 31 9.79 -22.64 1.68
C LEU A 31 11.09 -22.65 2.47
N GLU A 32 11.42 -21.50 3.05
CA GLU A 32 12.64 -21.31 3.81
C GLU A 32 12.78 -22.31 4.95
N SER A 33 11.64 -22.68 5.55
CA SER A 33 11.62 -23.61 6.67
C SER A 33 11.75 -25.07 6.22
N GLY A 34 11.76 -25.29 4.91
CA GLY A 34 11.85 -26.63 4.35
C GLY A 34 10.60 -26.98 3.59
N PHE A 35 10.69 -27.95 2.70
CA PHE A 35 9.54 -28.33 1.88
C PHE A 35 9.64 -29.75 1.36
N VAL A 36 8.49 -30.36 1.08
CA VAL A 36 8.47 -31.67 0.47
C VAL A 36 8.16 -31.52 -1.02
N ILE A 37 8.92 -32.20 -1.86
CA ILE A 37 8.78 -32.09 -3.30
C ILE A 37 8.52 -33.47 -3.87
N THR A 38 7.56 -33.56 -4.78
CA THR A 38 7.19 -34.85 -5.35
C THR A 38 7.12 -34.76 -6.86
N LEU A 39 7.87 -35.62 -7.54
CA LEU A 39 7.78 -35.71 -8.99
C LEU A 39 6.94 -36.93 -9.32
N THR A 40 6.06 -36.82 -10.29
CA THR A 40 5.26 -37.97 -10.66
C THR A 40 4.82 -37.98 -12.12
N ASP A 41 4.77 -39.18 -12.68
CA ASP A 41 4.18 -39.40 -13.98
C ASP A 41 2.86 -40.11 -13.69
N GLY A 42 2.20 -40.65 -14.70
CA GLY A 42 0.94 -41.31 -14.45
C GLY A 42 1.04 -42.64 -13.71
N HIS A 43 2.27 -43.14 -13.57
CA HIS A 43 2.48 -44.45 -12.95
C HIS A 43 3.38 -44.45 -11.70
N SER A 44 4.53 -43.82 -11.78
CA SER A 44 5.46 -43.81 -10.64
C SER A 44 5.56 -42.44 -9.96
N ALA A 45 6.14 -42.43 -8.76
CA ALA A 45 6.31 -41.19 -8.00
C ALA A 45 7.63 -41.14 -7.23
N TRP A 46 8.31 -39.99 -7.28
CA TRP A 46 9.55 -39.80 -6.53
C TRP A 46 9.47 -38.62 -5.56
N THR A 47 9.65 -38.92 -4.28
CA THR A 47 9.52 -37.91 -3.24
C THR A 47 10.83 -37.67 -2.49
N GLY A 48 11.16 -36.41 -2.29
CA GLY A 48 12.31 -36.03 -1.50
C GLY A 48 11.98 -34.90 -0.55
N THR A 49 12.66 -34.89 0.58
CA THR A 49 12.48 -33.82 1.55
C THR A 49 13.70 -32.91 1.54
N VAL A 50 13.44 -31.61 1.42
CA VAL A 50 14.50 -30.61 1.40
C VAL A 50 14.43 -29.83 2.71
N SER A 51 15.51 -29.92 3.49
CA SER A 51 15.56 -29.31 4.81
C SER A 51 16.05 -27.86 4.76
N GLU A 52 16.01 -27.18 5.90
CA GLU A 52 16.53 -25.82 6.01
C GLU A 52 18.01 -25.81 5.68
N SER A 53 18.77 -26.75 6.26
CA SER A 53 20.22 -26.76 6.06
C SER A 53 20.62 -26.97 4.61
N GLU A 54 19.87 -27.81 3.90
CA GLU A 54 20.19 -28.11 2.51
C GLU A 54 19.86 -26.93 1.60
N ILE A 55 18.81 -26.18 1.93
CA ILE A 55 18.49 -24.96 1.20
C ILE A 55 19.60 -23.94 1.35
N SER A 56 20.00 -23.70 2.60
CA SER A 56 21.09 -22.79 2.91
C SER A 56 22.42 -23.24 2.29
N GLN A 57 22.69 -24.54 2.35
CA GLN A 57 23.95 -25.08 1.82
C GLN A 57 24.04 -24.93 0.30
N GLU A 58 22.97 -25.25 -0.42
CA GLU A 58 22.99 -25.11 -1.87
C GLU A 58 23.04 -23.63 -2.26
N ALA A 59 22.57 -22.77 -1.36
CA ALA A 59 22.65 -21.32 -1.58
C ALA A 59 24.09 -20.83 -1.44
N ASP A 60 24.83 -21.42 -0.52
CA ASP A 60 26.22 -21.02 -0.28
C ASP A 60 27.19 -21.65 -1.29
N ASP A 61 26.83 -22.82 -1.81
CA ASP A 61 27.62 -23.44 -2.88
C ASP A 61 27.47 -22.61 -4.14
N MET A 62 26.32 -21.94 -4.27
CA MET A 62 26.09 -21.00 -5.38
C MET A 62 26.59 -19.61 -5.05
N ALA A 63 27.00 -19.41 -3.80
CA ALA A 63 27.39 -18.09 -3.30
C ALA A 63 26.25 -17.07 -3.48
N MET A 64 25.05 -17.47 -3.10
CA MET A 64 23.88 -16.60 -3.18
C MET A 64 23.37 -16.22 -1.81
N GLU A 65 22.75 -15.04 -1.73
CA GLU A 65 22.02 -14.63 -0.55
C GLU A 65 20.85 -15.61 -0.37
N MLY A 66 20.51 -15.91 0.88
CA MLY A 66 19.57 -16.99 1.19
CB MLY A 66 19.61 -17.36 2.68
CG MLY A 66 18.90 -18.66 3.03
CD MLY A 66 19.23 -19.14 4.44
CE MLY A 66 18.28 -18.57 5.49
NZ MLY A 66 18.60 -19.07 6.87
CH1 MLY A 66 17.51 -18.68 7.76
CH2 MLY A 66 18.58 -20.55 6.80
C MLY A 66 18.12 -16.72 0.75
O MLY A 66 17.47 -17.59 0.16
N GLY A 67 17.63 -15.52 1.02
CA GLY A 67 16.29 -15.14 0.60
C GLY A 67 16.18 -14.94 -0.90
N MLY A 68 17.30 -14.55 -1.51
CA MLY A 68 17.39 -14.37 -2.95
CB MLY A 68 18.73 -13.70 -3.30
CG MLY A 68 18.70 -12.73 -4.47
CD MLY A 68 19.00 -13.43 -5.79
CE MLY A 68 19.97 -12.61 -6.64
NZ MLY A 68 19.50 -11.22 -6.90
CH1 MLY A 68 20.67 -10.35 -6.68
CH2 MLY A 68 19.19 -11.14 -8.33
C MLY A 68 17.28 -15.73 -3.63
O MLY A 68 16.65 -15.86 -4.68
N TYR A 69 17.91 -16.73 -3.02
CA TYR A 69 17.85 -18.10 -3.51
C TYR A 69 16.49 -18.74 -3.32
N VAL A 70 15.88 -18.51 -2.17
CA VAL A 70 14.55 -19.04 -1.88
C VAL A 70 13.55 -18.48 -2.89
N GLY A 71 13.75 -17.21 -3.25
CA GLY A 71 12.94 -16.57 -4.27
C GLY A 71 13.04 -17.29 -5.60
N GLU A 72 14.22 -17.81 -5.90
CA GLU A 72 14.42 -18.60 -7.11
C GLU A 72 13.65 -19.93 -7.07
N LEU A 73 13.59 -20.54 -5.89
CA LEU A 73 12.80 -21.76 -5.69
C LEU A 73 11.31 -21.51 -5.91
N ARG A 74 10.82 -20.37 -5.42
CA ARG A 74 9.42 -20.01 -5.58
C ARG A 74 9.06 -19.82 -7.04
N MLY A 75 9.95 -19.19 -7.80
CA MLY A 75 9.68 -18.88 -9.19
CB MLY A 75 10.57 -17.73 -9.66
CG MLY A 75 10.29 -16.43 -8.92
CD MLY A 75 11.28 -15.31 -9.25
CE MLY A 75 11.14 -14.15 -8.27
NZ MLY A 75 12.18 -13.10 -8.49
CH1 MLY A 75 11.94 -12.04 -7.50
CH2 MLY A 75 13.47 -13.71 -8.14
C MLY A 75 9.81 -20.11 -10.08
O MLY A 75 9.18 -20.21 -11.14
N ALA A 76 10.62 -21.07 -9.65
CA ALA A 76 10.91 -22.24 -10.45
C ALA A 76 9.97 -23.40 -10.12
N LEU A 77 9.67 -23.59 -8.84
CA LEU A 77 8.93 -24.77 -8.41
C LEU A 77 7.43 -24.52 -8.19
N LEU A 78 7.01 -23.26 -8.16
CA LEU A 78 5.63 -22.91 -7.82
C LEU A 78 4.88 -22.09 -8.88
N SER A 79 5.38 -22.06 -10.11
CA SER A 79 4.70 -21.30 -11.14
C SER A 79 4.83 -21.90 -12.53
N GLY A 80 3.69 -22.16 -13.16
CA GLY A 80 3.66 -22.60 -14.54
C GLY A 80 3.14 -21.52 -15.48
N ASP A 85 10.45 -22.22 -20.60
CA ASP A 85 10.90 -20.84 -20.76
C ASP A 85 12.15 -20.56 -19.94
N VAL A 86 11.97 -19.84 -18.83
CA VAL A 86 13.08 -19.36 -18.02
C VAL A 86 13.80 -20.49 -17.28
N TYR A 87 13.03 -21.43 -16.75
CA TYR A 87 13.61 -22.53 -15.97
C TYR A 87 13.55 -23.86 -16.71
N THR A 88 14.61 -24.66 -16.54
CA THR A 88 14.74 -25.96 -17.20
C THR A 88 14.84 -27.06 -16.15
N PHE A 89 14.06 -28.13 -16.32
CA PHE A 89 14.01 -29.20 -15.33
C PHE A 89 14.59 -30.52 -15.84
N ASN A 90 15.30 -31.22 -14.96
CA ASN A 90 15.92 -32.49 -15.31
C ASN A 90 15.82 -33.55 -14.21
N PHE A 91 15.50 -34.79 -14.61
CA PHE A 91 15.44 -35.88 -13.65
C PHE A 91 16.01 -37.17 -14.21
N SER A 92 16.76 -37.88 -13.37
CA SER A 92 17.31 -39.19 -13.73
C SER A 92 16.70 -40.27 -12.84
N MLY A 93 16.17 -41.31 -13.47
CA MLY A 93 15.48 -42.38 -12.75
CB MLY A 93 14.64 -43.22 -13.73
CG MLY A 93 13.72 -42.41 -14.63
CD MLY A 93 12.26 -42.72 -14.34
CE MLY A 93 11.32 -42.38 -15.50
NZ MLY A 93 11.09 -40.92 -15.80
CH1 MLY A 93 9.82 -40.87 -16.56
CH2 MLY A 93 10.81 -40.21 -14.54
C MLY A 93 16.45 -43.28 -11.99
O MLY A 93 16.11 -43.81 -10.93
N GLU A 94 17.65 -43.45 -12.52
CA GLU A 94 18.63 -44.36 -11.92
C GLU A 94 19.21 -43.77 -10.63
N SER A 95 19.68 -42.52 -10.68
CA SER A 95 20.27 -41.90 -9.50
C SER A 95 19.23 -41.17 -8.67
N CYS A 96 17.99 -41.15 -9.17
CA CYS A 96 16.89 -40.44 -8.53
C CYS A 96 17.27 -39.00 -8.21
N TYR A 97 17.91 -38.33 -9.15
CA TYR A 97 18.46 -37.02 -8.87
C TYR A 97 17.81 -35.94 -9.73
N PHE A 98 17.11 -35.02 -9.06
CA PHE A 98 16.34 -33.97 -9.71
C PHE A 98 17.02 -32.63 -9.59
N PHE A 99 17.47 -32.10 -10.72
CA PHE A 99 18.09 -30.78 -10.73
C PHE A 99 17.42 -29.87 -11.77
N PHE A 100 17.51 -28.55 -11.53
CA PHE A 100 16.92 -27.57 -12.42
C PHE A 100 17.79 -26.32 -12.56
N GLU A 101 17.69 -25.69 -13.72
CA GLU A 101 18.53 -24.54 -14.06
C GLU A 101 17.67 -23.33 -14.42
N MLY A 102 18.29 -22.16 -14.46
CA MLY A 102 17.63 -20.94 -14.91
CB MLY A 102 17.64 -19.88 -13.82
CG MLY A 102 16.86 -18.63 -14.20
CD MLY A 102 17.09 -17.47 -13.24
CE MLY A 102 16.09 -16.37 -13.49
NZ MLY A 102 16.52 -15.03 -13.01
CH1 MLY A 102 15.68 -14.06 -13.73
CH2 MLY A 102 16.07 -14.91 -11.61
C MLY A 102 18.34 -20.39 -16.14
O MLY A 102 19.50 -19.99 -16.05
N ASN A 103 17.66 -20.37 -17.29
CA ASN A 103 18.28 -19.85 -18.49
C ASN A 103 18.14 -18.32 -18.56
N LEU A 104 19.19 -17.65 -19.02
CA LEU A 104 19.20 -16.19 -19.11
C LEU A 104 19.96 -15.70 -20.32
N MLY A 105 19.27 -15.18 -21.33
CA MLY A 105 19.89 -14.49 -22.48
CB MLY A 105 20.13 -13.01 -22.15
CG MLY A 105 18.93 -12.10 -22.32
CD MLY A 105 19.35 -10.62 -22.25
CE MLY A 105 18.15 -9.69 -22.28
NZ MLY A 105 17.39 -9.77 -23.57
CH1 MLY A 105 16.05 -9.23 -23.29
CH2 MLY A 105 18.04 -8.83 -24.50
C MLY A 105 21.21 -15.08 -23.00
O MLY A 105 22.22 -14.39 -23.05
N ASP A 106 21.17 -16.37 -23.36
CA ASP A 106 22.34 -17.15 -23.76
C ASP A 106 23.28 -17.48 -22.58
N VAL A 107 22.71 -17.57 -21.39
CA VAL A 107 23.46 -17.94 -20.17
C VAL A 107 22.53 -18.79 -19.30
N SER A 108 23.06 -19.84 -18.68
CA SER A 108 22.27 -20.69 -17.81
C SER A 108 23.07 -21.29 -16.65
N PHE A 109 22.52 -21.24 -15.44
CA PHE A 109 23.24 -21.71 -14.27
C PHE A 109 22.44 -22.71 -13.42
N ARG A 110 23.13 -23.73 -12.90
CA ARG A 110 22.55 -24.72 -12.00
C ARG A 110 21.95 -24.08 -10.76
N LEU A 111 20.65 -24.24 -10.59
CA LEU A 111 19.95 -23.55 -9.52
C LEU A 111 19.68 -24.45 -8.31
N GLY A 112 19.51 -25.75 -8.55
CA GLY A 112 19.28 -26.67 -7.47
C GLY A 112 19.54 -28.12 -7.84
N SER A 113 19.70 -28.97 -6.82
CA SER A 113 19.82 -30.40 -7.02
C SER A 113 19.39 -31.14 -5.76
N PHE A 114 18.40 -32.00 -5.91
CA PHE A 114 17.88 -32.74 -4.76
C PHE A 114 17.68 -34.20 -5.13
N ASN A 115 17.90 -35.07 -4.15
CA ASN A 115 17.70 -36.50 -4.33
C ASN A 115 16.30 -36.89 -3.92
N LEU A 116 15.59 -37.59 -4.80
CA LEU A 116 14.22 -37.99 -4.55
C LEU A 116 14.09 -39.51 -4.46
N GLU A 117 13.80 -40.00 -3.28
CA GLU A 117 13.54 -41.43 -3.10
C GLU A 117 12.29 -41.85 -3.85
N MLY A 118 12.41 -42.92 -4.64
CA MLY A 118 11.27 -43.46 -5.37
CB MLY A 118 11.70 -44.52 -6.37
CG MLY A 118 10.58 -45.03 -7.24
CD MLY A 118 11.10 -46.02 -8.27
CE MLY A 118 10.07 -46.31 -9.34
NZ MLY A 118 10.55 -47.31 -10.33
CH1 MLY A 118 9.46 -48.29 -10.50
CH2 MLY A 118 10.71 -46.62 -11.61
C MLY A 118 10.25 -44.05 -4.40
O MLY A 118 10.57 -44.91 -3.59
N VAL A 119 9.01 -43.58 -4.50
CA VAL A 119 7.95 -43.97 -3.60
C VAL A 119 7.52 -45.41 -3.87
N GLU A 120 7.34 -46.17 -2.79
CA GLU A 120 7.02 -47.59 -2.86
C GLU A 120 5.53 -47.82 -3.11
N ASN A 121 4.73 -46.78 -2.84
CA ASN A 121 3.31 -46.81 -3.12
C ASN A 121 2.90 -45.57 -3.90
N PRO A 122 3.21 -45.55 -5.20
CA PRO A 122 2.93 -44.36 -6.02
C PRO A 122 1.44 -44.07 -6.18
N ALA A 123 0.63 -45.10 -6.37
CA ALA A 123 -0.81 -44.93 -6.56
C ALA A 123 -1.43 -44.20 -5.37
N GLU A 124 -0.94 -44.50 -4.17
CA GLU A 124 -1.45 -43.84 -2.97
C GLU A 124 -1.21 -42.33 -3.02
N VAL A 125 0.02 -41.94 -3.36
CA VAL A 125 0.35 -40.53 -3.55
C VAL A 125 -0.48 -39.89 -4.66
N ILE A 126 -0.60 -40.61 -5.77
CA ILE A 126 -1.35 -40.11 -6.92
C ILE A 126 -2.82 -39.89 -6.58
N ARG A 127 -3.41 -40.84 -5.86
CA ARG A 127 -4.81 -40.70 -5.44
C ARG A 127 -5.01 -39.46 -4.56
N GLU A 128 -4.08 -39.25 -3.63
CA GLU A 128 -4.15 -38.09 -2.73
C GLU A 128 -4.08 -36.79 -3.51
N LEU A 129 -3.21 -36.75 -4.51
CA LEU A 129 -3.06 -35.59 -5.38
C LEU A 129 -4.33 -35.27 -6.10
N ILE A 130 -4.90 -36.29 -6.75
CA ILE A 130 -6.15 -36.12 -7.48
C ILE A 130 -7.26 -35.67 -6.54
N CYS A 131 -7.32 -36.24 -5.33
CA CYS A 131 -8.27 -35.75 -4.35
C CYS A 131 -8.10 -34.26 -4.07
N TYR A 132 -6.85 -33.83 -3.90
CA TYR A 132 -6.57 -32.41 -3.66
C TYR A 132 -7.05 -31.56 -4.83
N CYS A 133 -6.74 -31.99 -6.05
CA CYS A 133 -7.18 -31.28 -7.24
C CYS A 133 -8.70 -31.16 -7.31
N LEU A 134 -9.39 -32.27 -7.06
CA LEU A 134 -10.86 -32.29 -7.10
C LEU A 134 -11.48 -31.36 -6.06
N ASP A 135 -10.96 -31.39 -4.83
CA ASP A 135 -11.42 -30.48 -3.78
C ASP A 135 -11.23 -29.02 -4.15
N THR A 136 -10.03 -28.67 -4.62
CA THR A 136 -9.71 -27.30 -5.02
C THR A 136 -10.59 -26.78 -6.15
N THR A 137 -10.75 -27.58 -7.19
CA THR A 137 -11.58 -27.17 -8.33
C THR A 137 -13.04 -27.03 -7.89
N ALA A 138 -13.50 -27.89 -7.00
CA ALA A 138 -14.85 -27.79 -6.43
C ALA A 138 -15.02 -26.46 -5.71
N GLU A 139 -14.11 -26.17 -4.77
CA GLU A 139 -14.16 -24.92 -4.01
C GLU A 139 -14.14 -23.69 -4.91
N ASN A 140 -13.27 -23.72 -5.91
CA ASN A 140 -13.15 -22.61 -6.86
C ASN A 140 -14.43 -22.43 -7.66
N GLN A 141 -15.01 -23.55 -8.08
CA GLN A 141 -16.22 -23.51 -8.87
C GLN A 141 -17.36 -23.00 -7.98
N ALA A 142 -17.28 -23.32 -6.70
CA ALA A 142 -18.22 -22.80 -5.70
C ALA A 142 -18.07 -21.29 -5.55
N MLY A 143 -16.84 -20.79 -5.67
CA MLY A 143 -16.59 -19.35 -5.59
CB MLY A 143 -15.10 -19.07 -5.44
CG MLY A 143 -14.56 -19.22 -4.01
CD MLY A 143 -13.13 -18.69 -3.92
CE MLY A 143 -12.61 -18.68 -2.50
NZ MLY A 143 -11.31 -17.96 -2.40
CH1 MLY A 143 -11.03 -17.77 -0.97
CH2 MLY A 143 -10.28 -18.88 -2.91
C MLY A 143 -17.11 -18.63 -6.83
O MLY A 143 -17.71 -17.57 -6.74
N ASN A 144 -16.86 -19.23 -7.99
CA ASN A 144 -17.32 -18.69 -9.27
C ASN A 144 -18.83 -18.52 -9.32
N GLU A 145 -19.55 -19.55 -8.91
CA GLU A 145 -21.00 -19.54 -8.88
C GLU A 145 -21.54 -18.46 -7.94
N HIS A 146 -20.96 -18.38 -6.75
CA HIS A 146 -21.36 -17.39 -5.76
C HIS A 146 -21.21 -15.95 -6.25
N LEU A 147 -20.02 -15.62 -6.73
CA LEU A 147 -19.74 -14.24 -7.15
C LEU A 147 -20.51 -13.85 -8.40
N GLN A 148 -20.80 -14.83 -9.25
CA GLN A 148 -21.57 -14.54 -10.46
C GLN A 148 -23.04 -14.32 -10.15
N LEU A 149 -23.57 -15.06 -9.18
CA LEU A 149 -24.95 -14.86 -8.76
C LEU A 149 -25.11 -13.47 -8.16
N GLU A 150 -24.21 -13.09 -7.27
CA GLU A 150 -24.21 -11.74 -6.70
C GLU A 150 -24.08 -10.68 -7.79
N PHE A 151 -23.19 -10.92 -8.75
CA PHE A 151 -22.98 -10.01 -9.85
C PHE A 151 -24.24 -9.86 -10.71
N ASN A 152 -24.80 -10.99 -11.12
CA ASN A 152 -26.01 -11.00 -11.93
C ASN A 152 -27.19 -10.37 -11.22
N GLN A 153 -27.33 -10.68 -9.93
CA GLN A 153 -28.45 -10.16 -9.15
C GLN A 153 -28.32 -8.66 -8.93
N ILE A 154 -27.09 -8.20 -8.69
CA ILE A 154 -26.88 -6.78 -8.48
C ILE A 154 -27.04 -6.02 -9.79
N MLY A 155 -26.47 -6.56 -10.88
CA MLY A 155 -26.63 -5.99 -12.21
CB MLY A 155 -25.97 -6.89 -13.27
CG MLY A 155 -26.30 -6.49 -14.69
CD MLY A 155 -26.13 -7.64 -15.67
CE MLY A 155 -24.70 -7.77 -16.14
NZ MLY A 155 -24.30 -6.66 -17.05
CH1 MLY A 155 -23.01 -7.06 -17.64
CH2 MLY A 155 -25.26 -6.60 -18.15
C MLY A 155 -28.08 -5.76 -12.60
O MLY A 155 -28.41 -4.75 -13.23
N ALA A 156 -28.96 -6.67 -12.20
CA ALA A 156 -30.38 -6.49 -12.44
C ALA A 156 -30.95 -5.45 -11.48
N GLU A 157 -30.43 -5.42 -10.26
CA GLU A 157 -30.88 -4.46 -9.26
C GLU A 157 -30.28 -3.07 -9.47
N ILE A 158 -29.26 -2.97 -10.33
CA ILE A 158 -28.70 -1.66 -10.63
C ILE A 158 -29.56 -0.91 -11.63
N GLU A 159 -29.88 -1.59 -12.72
CA GLU A 159 -30.65 -1.03 -13.82
C GLU A 159 -32.12 -0.93 -13.46
N ARG A 160 -32.50 -1.56 -12.35
CA ARG A 160 -33.85 -1.44 -11.85
C ARG A 160 -34.06 -0.04 -11.30
N MLY A 161 -32.99 0.54 -10.74
CA MLY A 161 -33.05 1.90 -10.24
CB MLY A 161 -31.86 2.17 -9.32
CG MLY A 161 -31.80 1.22 -8.15
CD MLY A 161 -30.57 1.49 -7.31
CE MLY A 161 -30.56 0.62 -6.07
NZ MLY A 161 -29.28 0.77 -5.33
CH1 MLY A 161 -29.21 2.15 -4.84
CH2 MLY A 161 -29.36 -0.10 -4.16
C MLY A 161 -33.08 2.93 -11.38
O MLY A 161 -33.70 3.99 -11.25
N LEU A 162 -32.42 2.60 -12.48
CA LEU A 162 -32.48 3.43 -13.69
C LEU A 162 -33.91 3.49 -14.21
N ALA A 163 -34.58 2.35 -14.25
CA ALA A 163 -35.94 2.25 -14.76
C ALA A 163 -36.89 3.20 -14.02
N GLU A 164 -36.69 3.35 -12.72
CA GLU A 164 -37.47 4.30 -11.95
C GLU A 164 -36.98 5.71 -12.21
N MLY A 165 -35.66 5.88 -12.18
CA MLY A 165 -35.02 7.18 -12.32
CB MLY A 165 -33.51 7.04 -12.07
CG MLY A 165 -32.76 8.35 -11.90
CD MLY A 165 -32.41 8.62 -10.45
CE MLY A 165 -33.61 9.09 -9.66
NZ MLY A 165 -33.23 9.52 -8.28
CH1 MLY A 165 -34.36 10.27 -7.73
CH2 MLY A 165 -33.09 8.30 -7.48
C MLY A 165 -35.26 7.86 -13.67
O MLY A 165 -35.39 9.07 -13.75
N ASP A 166 -35.31 7.07 -14.74
CA ASP A 166 -35.65 7.55 -16.06
C ASP A 166 -37.11 7.99 -16.12
N GLU A 167 -37.99 7.14 -15.61
CA GLU A 167 -39.43 7.42 -15.58
C GLU A 167 -39.71 8.69 -14.80
N GLU A 168 -39.10 8.81 -13.62
CA GLU A 168 -39.22 10.03 -12.81
C GLU A 168 -38.83 11.29 -13.57
N MET A 169 -37.88 11.17 -14.48
CA MET A 169 -37.49 12.29 -15.34
C MET A 169 -38.59 12.56 -16.35
N GLU A 170 -38.99 11.53 -17.07
CA GLU A 170 -40.05 11.62 -18.07
C GLU A 170 -41.34 12.13 -17.44
N GLN A 171 -41.59 11.74 -16.20
CA GLN A 171 -42.73 12.25 -15.45
C GLN A 171 -42.59 13.74 -15.20
N ALA A 172 -41.48 14.14 -14.58
CA ALA A 172 -41.18 15.56 -14.36
C ALA A 172 -41.23 16.34 -15.67
N MLY A 173 -40.71 15.72 -16.74
CA MLY A 173 -40.60 16.37 -18.06
CB MLY A 173 -39.78 15.48 -19.00
CG MLY A 173 -39.60 16.03 -20.41
CD MLY A 173 -39.00 14.98 -21.34
CE MLY A 173 -39.03 15.40 -22.79
NZ MLY A 173 -38.68 14.29 -23.73
CH1 MLY A 173 -39.87 13.42 -23.84
CH2 MLY A 173 -38.49 14.89 -25.05
C MLY A 173 -41.95 16.72 -18.70
O MLY A 173 -42.14 17.84 -19.18
N ARG A 174 -42.89 15.77 -18.70
CA ARG A 174 -44.22 16.02 -19.22
C ARG A 174 -44.98 17.00 -18.33
N ASN A 175 -44.85 16.83 -17.01
CA ASN A 175 -45.46 17.75 -16.07
C ASN A 175 -45.03 19.19 -16.35
N HIS A 176 -43.73 19.37 -16.54
CA HIS A 176 -43.17 20.67 -16.87
C HIS A 176 -43.90 21.24 -18.09
N LEU A 177 -44.01 20.44 -19.14
CA LEU A 177 -44.70 20.82 -20.37
C LEU A 177 -46.16 21.22 -20.15
N ARG A 178 -46.91 20.34 -19.48
CA ARG A 178 -48.32 20.55 -19.21
C ARG A 178 -48.58 21.88 -18.50
N VAL A 179 -47.84 22.15 -17.43
CA VAL A 179 -47.97 23.40 -16.67
C VAL A 179 -47.74 24.60 -17.57
N VAL A 180 -46.63 24.59 -18.31
CA VAL A 180 -46.33 25.65 -19.26
C VAL A 180 -47.44 25.76 -20.32
N ASP A 181 -47.90 24.61 -20.83
CA ASP A 181 -48.93 24.59 -21.85
C ASP A 181 -50.20 25.32 -21.40
N SER A 182 -50.56 25.17 -20.13
CA SER A 182 -51.74 25.85 -19.59
C SER A 182 -51.46 27.33 -19.44
N LEU A 183 -50.34 27.64 -18.79
CA LEU A 183 -49.95 29.03 -18.53
C LEU A 183 -49.89 29.86 -19.81
N GLN A 184 -49.18 29.37 -20.83
CA GLN A 184 -49.15 30.03 -22.13
C GLN A 184 -50.55 30.25 -22.71
N THR A 185 -51.38 29.22 -22.75
CA THR A 185 -52.75 29.35 -23.23
C THR A 185 -53.51 30.32 -22.35
N SER A 186 -53.37 30.17 -21.03
CA SER A 186 -54.04 31.07 -20.10
C SER A 186 -53.54 32.51 -20.28
N LEU A 187 -52.33 32.65 -20.77
CA LEU A 187 -51.78 33.97 -21.11
C LEU A 187 -52.32 34.45 -22.45
N ASP A 188 -52.13 33.64 -23.49
CA ASP A 188 -52.53 34.00 -24.85
C ASP A 188 -54.01 34.38 -24.98
N ALA A 189 -54.87 33.53 -24.43
CA ALA A 189 -56.31 33.81 -24.40
C ALA A 189 -56.60 35.18 -23.83
N GLU A 190 -56.05 35.45 -22.65
CA GLU A 190 -56.32 36.72 -21.98
C GLU A 190 -55.73 37.92 -22.70
N THR A 191 -54.72 37.72 -23.54
CA THR A 191 -54.22 38.83 -24.34
C THR A 191 -55.13 39.16 -25.53
N ARG A 192 -55.40 38.16 -26.37
CA ARG A 192 -56.17 38.37 -27.60
C ARG A 192 -57.60 38.87 -27.39
N SER A 193 -58.36 38.19 -26.54
CA SER A 193 -59.76 38.53 -26.33
C SER A 193 -60.03 39.96 -25.85
N ARG A 194 -59.35 40.40 -24.79
CA ARG A 194 -59.58 41.74 -24.24
C ARG A 194 -59.02 42.85 -25.14
N ASN A 195 -57.86 42.63 -25.75
CA ASN A 195 -57.28 43.68 -26.60
C ASN A 195 -58.15 43.96 -27.83
N GLU A 196 -58.88 42.96 -28.31
CA GLU A 196 -59.84 43.19 -29.38
C GLU A 196 -61.06 43.92 -28.82
N ALA A 197 -61.40 43.64 -27.57
CA ALA A 197 -62.51 44.32 -26.90
C ALA A 197 -62.13 45.78 -26.68
N LEU A 198 -60.83 46.05 -26.67
CA LEU A 198 -60.34 47.42 -26.60
C LEU A 198 -60.42 48.06 -27.97
N ARG A 199 -60.26 47.22 -29.01
CA ARG A 199 -60.26 47.70 -30.38
C ARG A 199 -61.66 47.89 -30.95
N VAL A 200 -62.64 47.17 -30.40
CA VAL A 200 -64.00 47.26 -30.92
C VAL A 200 -64.84 48.29 -30.15
N MLY A 201 -64.47 48.56 -28.90
CA MLY A 201 -65.20 49.52 -28.09
CB MLY A 201 -65.20 49.09 -26.62
CG MLY A 201 -65.95 47.79 -26.36
CD MLY A 201 -65.95 47.43 -24.88
CE MLY A 201 -66.69 46.13 -24.62
NZ MLY A 201 -66.82 45.82 -23.17
CH1 MLY A 201 -68.25 45.76 -22.88
CH2 MLY A 201 -66.28 44.46 -22.96
C MLY A 201 -64.62 50.92 -28.22
O MLY A 201 -64.95 51.65 -29.15
N GLY B 4 -17.84 -30.98 -25.47
CA GLY B 4 -18.48 -31.91 -24.56
C GLY B 4 -18.11 -31.68 -23.11
N GLU B 5 -18.83 -32.32 -22.20
CA GLU B 5 -18.58 -32.18 -20.78
C GLU B 5 -18.09 -33.50 -20.16
N ARG B 6 -17.67 -33.42 -18.90
CA ARG B 6 -17.26 -34.60 -18.16
C ARG B 6 -17.48 -34.36 -16.67
N MLY B 7 -17.50 -35.44 -15.91
CA MLY B 7 -17.63 -35.33 -14.47
CB MLY B 7 -19.08 -35.48 -14.03
CG MLY B 7 -19.28 -35.49 -12.53
CD MLY B 7 -18.88 -34.17 -11.90
CE MLY B 7 -19.14 -34.17 -10.41
NZ MLY B 7 -18.77 -32.89 -9.77
CH1 MLY B 7 -19.08 -33.01 -8.34
CH2 MLY B 7 -17.31 -32.78 -9.88
C MLY B 7 -16.77 -36.39 -13.78
O MLY B 7 -17.01 -37.60 -13.91
N ILE B 8 -15.76 -35.92 -13.06
CA ILE B 8 -14.87 -36.78 -12.29
C ILE B 8 -15.41 -36.90 -10.88
N SER B 9 -15.91 -38.09 -10.55
CA SER B 9 -16.50 -38.35 -9.25
C SER B 9 -15.62 -39.25 -8.39
N ARG B 10 -15.83 -39.22 -7.08
CA ARG B 10 -15.08 -40.09 -6.17
C ARG B 10 -16.02 -41.11 -5.54
N ILE B 11 -15.72 -42.38 -5.76
CA ILE B 11 -16.57 -43.46 -5.28
C ILE B 11 -15.78 -44.48 -4.46
N HIS B 12 -16.48 -45.17 -3.56
CA HIS B 12 -15.88 -46.25 -2.80
C HIS B 12 -16.53 -47.58 -3.18
N LEU B 13 -15.72 -48.53 -3.64
CA LEU B 13 -16.21 -49.86 -3.94
C LEU B 13 -16.44 -50.65 -2.65
N VAL B 14 -17.34 -51.63 -2.70
CA VAL B 14 -17.63 -52.44 -1.54
C VAL B 14 -16.42 -53.31 -1.22
N SER B 15 -15.75 -53.78 -2.28
CA SER B 15 -14.41 -54.35 -2.11
C SER B 15 -13.48 -53.16 -2.09
N GLU B 16 -12.48 -53.18 -1.22
CA GLU B 16 -11.58 -52.04 -1.06
C GLU B 16 -12.32 -50.75 -0.68
N PRO B 17 -13.06 -50.76 0.44
CA PRO B 17 -13.70 -49.50 0.87
C PRO B 17 -12.68 -48.47 1.38
N SER B 18 -11.51 -48.95 1.76
CA SER B 18 -10.41 -48.12 2.26
C SER B 18 -9.81 -47.23 1.17
N ILE B 19 -9.82 -47.73 -0.06
CA ILE B 19 -9.28 -47.04 -1.21
C ILE B 19 -10.33 -46.21 -1.93
N THR B 20 -10.03 -44.93 -2.14
CA THR B 20 -10.87 -44.06 -2.93
C THR B 20 -10.65 -44.30 -4.42
N HIS B 21 -11.71 -44.69 -5.12
CA HIS B 21 -11.61 -44.87 -6.57
C HIS B 21 -12.16 -43.63 -7.28
N PHE B 22 -11.72 -43.42 -8.51
CA PHE B 22 -12.23 -42.29 -9.28
C PHE B 22 -13.02 -42.76 -10.48
N LEU B 23 -14.15 -42.10 -10.70
CA LEU B 23 -15.01 -42.44 -11.82
C LEU B 23 -15.10 -41.22 -12.74
N GLN B 24 -14.72 -41.41 -14.00
CA GLN B 24 -14.75 -40.31 -14.95
C GLN B 24 -15.74 -40.58 -16.09
N VAL B 25 -16.81 -39.82 -16.10
CA VAL B 25 -17.85 -39.98 -17.11
C VAL B 25 -17.85 -38.81 -18.08
N SER B 26 -17.75 -39.12 -19.37
CA SER B 26 -17.76 -38.09 -20.39
C SER B 26 -18.89 -38.32 -21.39
N TRP B 27 -19.54 -37.24 -21.81
CA TRP B 27 -20.65 -37.31 -22.75
C TRP B 27 -20.64 -36.14 -23.72
N GLU B 28 -21.23 -36.32 -24.89
CA GLU B 28 -21.22 -35.31 -25.94
C GLU B 28 -22.27 -34.22 -25.72
N MLY B 29 -23.53 -34.61 -25.61
CA MLY B 29 -24.62 -33.66 -25.45
CB MLY B 29 -25.63 -33.83 -26.59
CG MLY B 29 -26.36 -32.56 -27.01
CD MLY B 29 -26.41 -32.43 -28.53
CE MLY B 29 -27.20 -31.19 -28.97
NZ MLY B 29 -27.04 -30.87 -30.42
CH1 MLY B 29 -27.34 -32.08 -31.18
CH2 MLY B 29 -28.08 -29.89 -30.76
C MLY B 29 -25.30 -33.86 -24.10
O MLY B 29 -25.35 -32.96 -23.27
N THR B 30 -25.82 -35.06 -23.90
CA THR B 30 -26.45 -35.46 -22.64
C THR B 30 -26.18 -36.95 -22.40
N LEU B 31 -26.31 -37.40 -21.16
CA LEU B 31 -26.09 -38.80 -20.82
C LEU B 31 -26.96 -39.75 -21.62
N GLU B 32 -28.19 -39.32 -21.91
CA GLU B 32 -29.13 -40.17 -22.64
C GLU B 32 -28.59 -40.57 -24.02
N SER B 33 -27.80 -39.68 -24.62
CA SER B 33 -27.22 -39.92 -25.93
C SER B 33 -26.01 -40.84 -25.86
N GLY B 34 -25.61 -41.22 -24.65
CA GLY B 34 -24.47 -42.10 -24.46
C GLY B 34 -23.32 -41.44 -23.71
N PHE B 35 -22.45 -42.27 -23.14
CA PHE B 35 -21.32 -41.76 -22.36
C PHE B 35 -20.18 -42.77 -22.26
N VAL B 36 -18.96 -42.26 -22.11
CA VAL B 36 -17.79 -43.10 -21.86
C VAL B 36 -17.43 -43.03 -20.38
N ILE B 37 -17.17 -44.19 -19.77
CA ILE B 37 -16.93 -44.26 -18.34
C ILE B 37 -15.58 -44.92 -18.03
N THR B 38 -14.83 -44.32 -17.12
CA THR B 38 -13.51 -44.83 -16.75
C THR B 38 -13.32 -44.93 -15.23
N LEU B 39 -12.93 -46.12 -14.79
CA LEU B 39 -12.62 -46.33 -13.38
C LEU B 39 -11.10 -46.38 -13.21
N THR B 40 -10.59 -45.80 -12.14
CA THR B 40 -9.15 -45.83 -11.88
C THR B 40 -8.80 -45.80 -10.39
N ASP B 41 -7.73 -46.49 -10.01
CA ASP B 41 -7.24 -46.47 -8.63
C ASP B 41 -5.91 -45.71 -8.51
N GLY B 42 -5.54 -44.98 -9.56
CA GLY B 42 -4.29 -44.27 -9.54
C GLY B 42 -3.18 -45.10 -10.14
N HIS B 43 -3.44 -46.38 -10.37
CA HIS B 43 -2.46 -47.27 -10.94
C HIS B 43 -2.97 -47.88 -12.23
N SER B 44 -4.16 -48.47 -12.15
CA SER B 44 -4.77 -49.08 -13.32
C SER B 44 -6.00 -48.29 -13.74
N ALA B 45 -6.46 -48.53 -14.96
CA ALA B 45 -7.64 -47.84 -15.47
C ALA B 45 -8.49 -48.75 -16.34
N TRP B 46 -9.80 -48.70 -16.12
CA TRP B 46 -10.74 -49.49 -16.92
C TRP B 46 -11.75 -48.55 -17.58
N THR B 47 -11.80 -48.58 -18.91
CA THR B 47 -12.67 -47.70 -19.68
C THR B 47 -13.69 -48.50 -20.49
N GLY B 48 -14.95 -48.06 -20.46
CA GLY B 48 -16.00 -48.66 -21.27
C GLY B 48 -16.89 -47.61 -21.91
N THR B 49 -17.42 -47.94 -23.08
CA THR B 49 -18.33 -47.05 -23.80
C THR B 49 -19.78 -47.55 -23.75
N VAL B 50 -20.69 -46.66 -23.34
CA VAL B 50 -22.10 -46.99 -23.25
C VAL B 50 -22.95 -46.24 -24.28
N SER B 51 -23.57 -46.98 -25.19
CA SER B 51 -24.37 -46.40 -26.27
C SER B 51 -25.82 -46.21 -25.85
N GLU B 52 -26.59 -45.54 -26.70
CA GLU B 52 -28.01 -45.34 -26.47
C GLU B 52 -28.78 -46.63 -26.29
N SER B 53 -28.54 -47.56 -27.20
CA SER B 53 -29.27 -48.81 -27.26
C SER B 53 -29.11 -49.65 -26.00
N GLU B 54 -27.92 -49.63 -25.41
CA GLU B 54 -27.69 -50.38 -24.18
C GLU B 54 -28.35 -49.70 -22.99
N ILE B 55 -28.39 -48.36 -23.01
CA ILE B 55 -29.09 -47.62 -21.96
C ILE B 55 -30.56 -47.99 -21.96
N SER B 56 -31.18 -47.94 -23.13
CA SER B 56 -32.58 -48.31 -23.30
C SER B 56 -32.81 -49.77 -22.94
N GLN B 57 -31.89 -50.64 -23.35
CA GLN B 57 -32.01 -52.06 -23.12
C GLN B 57 -31.99 -52.39 -21.63
N GLU B 58 -31.05 -51.81 -20.90
CA GLU B 58 -30.97 -52.02 -19.45
C GLU B 58 -32.15 -51.35 -18.74
N ALA B 59 -32.70 -50.31 -19.35
CA ALA B 59 -33.88 -49.64 -18.80
C ALA B 59 -35.13 -50.51 -18.95
N ASP B 60 -35.23 -51.23 -20.06
CA ASP B 60 -36.39 -52.06 -20.32
C ASP B 60 -36.30 -53.41 -19.62
N ASP B 61 -35.07 -53.87 -19.38
CA ASP B 61 -34.88 -55.12 -18.63
C ASP B 61 -35.24 -54.91 -17.17
N MET B 62 -35.08 -53.67 -16.71
CA MET B 62 -35.50 -53.28 -15.38
C MET B 62 -36.96 -52.84 -15.38
N ALA B 63 -37.52 -52.76 -16.58
CA ALA B 63 -38.86 -52.22 -16.81
C ALA B 63 -38.95 -50.80 -16.26
N MET B 64 -37.96 -49.99 -16.61
CA MET B 64 -37.93 -48.59 -16.19
C MET B 64 -38.14 -47.66 -17.38
N GLU B 65 -38.78 -46.52 -17.14
CA GLU B 65 -38.84 -45.46 -18.12
C GLU B 65 -37.44 -44.87 -18.23
N MLY B 66 -37.08 -44.33 -19.40
CA MLY B 66 -35.71 -43.84 -19.64
CB MLY B 66 -35.46 -43.59 -21.13
CG MLY B 66 -35.36 -44.86 -21.95
CD MLY B 66 -35.20 -44.54 -23.43
CE MLY B 66 -33.82 -43.95 -23.73
NZ MLY B 66 -33.71 -43.52 -25.16
CH1 MLY B 66 -32.29 -43.22 -25.41
CH2 MLY B 66 -34.04 -44.69 -26.00
C MLY B 66 -35.36 -42.59 -18.83
O MLY B 66 -34.30 -42.52 -18.21
N GLY B 67 -36.27 -41.61 -18.83
CA GLY B 67 -36.05 -40.36 -18.13
C GLY B 67 -35.86 -40.50 -16.64
N MLY B 68 -36.49 -41.52 -16.06
CA MLY B 68 -36.30 -41.85 -14.66
CB MLY B 68 -37.45 -42.73 -14.18
CG MLY B 68 -37.44 -43.02 -12.68
CD MLY B 68 -38.12 -44.35 -12.38
CE MLY B 68 -39.47 -44.46 -13.09
NZ MLY B 68 -39.63 -45.77 -13.77
CH1 MLY B 68 -39.72 -46.81 -12.72
CH2 MLY B 68 -40.93 -45.76 -14.44
C MLY B 68 -34.97 -42.58 -14.47
O MLY B 68 -34.24 -42.31 -13.52
N TYR B 69 -34.67 -43.49 -15.39
CA TYR B 69 -33.45 -44.28 -15.32
C TYR B 69 -32.20 -43.46 -15.64
N VAL B 70 -32.28 -42.63 -16.66
CA VAL B 70 -31.18 -41.74 -17.00
C VAL B 70 -30.92 -40.80 -15.84
N GLY B 71 -32.00 -40.39 -15.19
CA GLY B 71 -31.92 -39.57 -14.00
C GLY B 71 -31.14 -40.28 -12.91
N GLU B 72 -31.34 -41.60 -12.80
CA GLU B 72 -30.62 -42.43 -11.83
C GLU B 72 -29.11 -42.50 -12.10
N LEU B 73 -28.75 -42.52 -13.38
CA LEU B 73 -27.35 -42.50 -13.76
C LEU B 73 -26.70 -41.20 -13.27
N ARG B 74 -27.44 -40.10 -13.40
CA ARG B 74 -26.98 -38.79 -12.94
C ARG B 74 -26.72 -38.79 -11.44
N MLY B 75 -27.57 -39.51 -10.70
CA MLY B 75 -27.47 -39.54 -9.25
CB MLY B 75 -28.73 -40.15 -8.62
CG MLY B 75 -30.05 -39.79 -9.27
CD MLY B 75 -30.50 -38.38 -8.94
CE MLY B 75 -31.70 -38.00 -9.81
NZ MLY B 75 -32.96 -37.78 -9.05
CH1 MLY B 75 -34.01 -37.58 -10.07
CH2 MLY B 75 -33.32 -39.02 -8.35
C MLY B 75 -26.27 -40.34 -8.77
O MLY B 75 -25.55 -39.92 -7.87
N ALA B 76 -26.07 -41.50 -9.38
CA ALA B 76 -25.04 -42.42 -8.92
C ALA B 76 -23.66 -42.11 -9.50
N LEU B 77 -23.63 -41.73 -10.77
CA LEU B 77 -22.36 -41.62 -11.49
C LEU B 77 -21.77 -40.20 -11.54
N LEU B 78 -22.57 -39.19 -11.18
CA LEU B 78 -22.12 -37.81 -11.28
C LEU B 78 -22.20 -37.06 -9.95
N SER B 79 -22.29 -37.81 -8.86
CA SER B 79 -22.37 -37.24 -7.51
C SER B 79 -23.59 -36.36 -7.25
N GLY B 80 -24.77 -36.87 -7.61
CA GLY B 80 -26.02 -36.23 -7.25
C GLY B 80 -26.72 -37.11 -6.22
N ALA B 81 -26.79 -36.65 -4.98
CA ALA B 81 -27.37 -37.50 -3.93
C ALA B 81 -28.01 -36.69 -2.81
N GLY B 82 -28.79 -37.37 -1.97
CA GLY B 82 -29.38 -36.75 -0.80
C GLY B 82 -28.39 -36.77 0.35
N ALA B 84 -31.49 -39.39 2.49
CA ALA B 84 -30.40 -39.49 1.52
C ALA B 84 -30.67 -40.57 0.49
N ASP B 85 -29.91 -40.55 -0.60
CA ASP B 85 -30.05 -41.55 -1.66
C ASP B 85 -28.78 -42.39 -1.82
N VAL B 86 -28.67 -43.43 -1.00
CA VAL B 86 -27.47 -44.26 -0.90
C VAL B 86 -27.20 -45.19 -2.08
N TYR B 87 -26.10 -44.96 -2.79
CA TYR B 87 -25.71 -45.84 -3.90
C TYR B 87 -24.48 -46.65 -3.53
N THR B 88 -24.47 -47.90 -4.01
CA THR B 88 -23.40 -48.85 -3.74
C THR B 88 -22.73 -49.33 -5.02
N PHE B 89 -21.40 -49.30 -5.04
CA PHE B 89 -20.64 -49.62 -6.23
C PHE B 89 -19.81 -50.90 -6.10
N ASN B 90 -19.74 -51.66 -7.18
CA ASN B 90 -18.99 -52.91 -7.22
C ASN B 90 -18.22 -53.06 -8.51
N PHE B 91 -16.98 -53.52 -8.41
CA PHE B 91 -16.18 -53.80 -9.60
C PHE B 91 -15.40 -55.09 -9.46
N SER B 92 -15.38 -55.85 -10.56
CA SER B 92 -14.63 -57.09 -10.62
C SER B 92 -13.51 -56.98 -11.65
N MLY B 93 -12.29 -57.29 -11.21
CA MLY B 93 -11.12 -57.20 -12.07
CB MLY B 93 -9.85 -57.07 -11.23
CG MLY B 93 -10.08 -56.30 -9.92
CD MLY B 93 -8.85 -55.51 -9.45
CE MLY B 93 -9.24 -54.48 -8.38
NZ MLY B 93 -8.23 -53.37 -8.21
CH1 MLY B 93 -8.97 -52.15 -7.89
CH2 MLY B 93 -7.41 -53.69 -7.03
C MLY B 93 -11.06 -58.42 -13.00
O MLY B 93 -10.39 -58.40 -14.02
N GLU B 94 -11.77 -59.48 -12.61
CA GLU B 94 -11.76 -60.74 -13.35
C GLU B 94 -12.53 -60.64 -14.65
N SER B 95 -13.80 -60.26 -14.54
CA SER B 95 -14.69 -60.14 -15.68
C SER B 95 -14.72 -58.73 -16.26
N CYS B 96 -13.96 -57.83 -15.62
CA CYS B 96 -13.95 -56.42 -15.98
C CYS B 96 -15.37 -55.85 -15.94
N TYR B 97 -16.09 -56.17 -14.87
CA TYR B 97 -17.50 -55.86 -14.75
C TYR B 97 -17.78 -54.86 -13.65
N PHE B 98 -18.27 -53.68 -14.03
CA PHE B 98 -18.58 -52.64 -13.07
C PHE B 98 -20.09 -52.51 -12.97
N PHE B 99 -20.66 -52.89 -11.82
CA PHE B 99 -22.08 -52.74 -11.61
C PHE B 99 -22.37 -52.00 -10.30
N PHE B 100 -23.52 -51.33 -10.24
CA PHE B 100 -23.88 -50.54 -9.07
C PHE B 100 -25.35 -50.69 -8.71
N GLU B 101 -25.64 -50.58 -7.42
CA GLU B 101 -26.97 -50.84 -6.89
C GLU B 101 -27.52 -49.65 -6.12
N MLY B 102 -28.84 -49.47 -6.18
CA MLY B 102 -29.48 -48.49 -5.31
CB MLY B 102 -30.58 -47.73 -6.05
CG MLY B 102 -31.18 -46.62 -5.19
CD MLY B 102 -32.19 -45.77 -5.92
CE MLY B 102 -32.74 -44.71 -4.98
NZ MLY B 102 -33.81 -43.88 -5.59
CH1 MLY B 102 -34.45 -43.17 -4.49
CH2 MLY B 102 -33.13 -42.86 -6.39
C MLY B 102 -30.04 -49.15 -4.06
O MLY B 102 -30.61 -50.25 -4.12
N ASN B 103 -29.87 -48.49 -2.92
CA ASN B 103 -30.29 -49.03 -1.63
C ASN B 103 -31.46 -48.29 -0.99
N LEU B 104 -32.30 -49.05 -0.30
CA LEU B 104 -33.45 -48.52 0.42
C LEU B 104 -33.49 -49.23 1.76
N MLY B 105 -34.57 -49.07 2.52
CA MLY B 105 -34.61 -49.66 3.86
CB MLY B 105 -35.75 -49.08 4.69
CG MLY B 105 -35.51 -49.22 6.19
CD MLY B 105 -36.63 -48.64 7.02
CE MLY B 105 -37.90 -49.48 6.91
NZ MLY B 105 -38.90 -49.05 7.92
CH1 MLY B 105 -40.10 -49.87 7.67
CH2 MLY B 105 -38.38 -49.47 9.23
C MLY B 105 -34.72 -51.18 3.78
O MLY B 105 -35.78 -51.73 3.46
N ASP B 106 -33.60 -51.85 4.06
CA ASP B 106 -33.50 -53.31 4.08
C ASP B 106 -33.69 -53.93 2.71
N VAL B 107 -33.40 -53.18 1.65
CA VAL B 107 -33.53 -53.65 0.28
C VAL B 107 -32.44 -53.04 -0.62
N SER B 108 -31.89 -53.83 -1.53
CA SER B 108 -30.93 -53.33 -2.50
C SER B 108 -31.02 -54.08 -3.83
N PHE B 109 -31.12 -53.34 -4.92
CA PHE B 109 -31.34 -53.95 -6.23
C PHE B 109 -30.36 -53.44 -7.28
N ARG B 110 -29.98 -54.33 -8.19
CA ARG B 110 -29.08 -54.02 -9.30
C ARG B 110 -29.60 -52.89 -10.18
N LEU B 111 -28.85 -51.78 -10.24
CA LEU B 111 -29.30 -50.59 -10.96
C LEU B 111 -28.62 -50.46 -12.33
N GLY B 112 -27.40 -50.94 -12.44
CA GLY B 112 -26.66 -50.89 -13.70
C GLY B 112 -25.50 -51.86 -13.74
N SER B 113 -25.02 -52.17 -14.95
CA SER B 113 -23.86 -53.03 -15.13
C SER B 113 -23.19 -52.76 -16.48
N PHE B 114 -21.89 -52.48 -16.46
CA PHE B 114 -21.15 -52.17 -17.69
C PHE B 114 -19.82 -52.90 -17.74
N ASN B 115 -19.38 -53.27 -18.94
CA ASN B 115 -18.07 -53.90 -19.11
C ASN B 115 -17.03 -52.84 -19.42
N LEU B 116 -15.94 -52.85 -18.64
CA LEU B 116 -14.89 -51.87 -18.82
C LEU B 116 -13.60 -52.53 -19.22
N GLU B 117 -13.14 -52.27 -20.44
CA GLU B 117 -11.86 -52.79 -20.90
C GLU B 117 -10.73 -52.21 -20.06
N MLY B 118 -9.78 -53.05 -19.67
CA MLY B 118 -8.60 -52.55 -18.95
CB MLY B 118 -7.87 -53.68 -18.21
CG MLY B 118 -6.73 -53.18 -17.33
CD MLY B 118 -5.99 -54.32 -16.64
CE MLY B 118 -4.81 -53.79 -15.81
NZ MLY B 118 -3.98 -54.87 -15.17
CH1 MLY B 118 -4.85 -55.61 -14.24
CH2 MLY B 118 -3.59 -55.80 -16.23
C MLY B 118 -7.67 -51.85 -19.91
O MLY B 118 -7.17 -52.45 -20.87
N VAL B 119 -7.44 -50.56 -19.66
CA VAL B 119 -6.59 -49.74 -20.51
C VAL B 119 -5.13 -50.19 -20.41
N GLU B 120 -4.46 -50.29 -21.56
CA GLU B 120 -3.10 -50.78 -21.60
C GLU B 120 -2.10 -49.69 -21.21
N ASN B 121 -2.54 -48.44 -21.26
CA ASN B 121 -1.70 -47.33 -20.82
C ASN B 121 -2.46 -46.41 -19.86
N PRO B 122 -2.57 -46.83 -18.59
CA PRO B 122 -3.30 -46.10 -17.55
C PRO B 122 -2.67 -44.74 -17.22
N ALA B 123 -1.35 -44.66 -17.27
CA ALA B 123 -0.62 -43.45 -16.94
C ALA B 123 -1.06 -42.24 -17.79
N GLU B 124 -1.29 -42.48 -19.08
CA GLU B 124 -1.75 -41.42 -19.97
C GLU B 124 -3.13 -40.93 -19.55
N VAL B 125 -4.01 -41.87 -19.26
CA VAL B 125 -5.35 -41.59 -18.78
C VAL B 125 -5.31 -40.78 -17.49
N ILE B 126 -4.46 -41.19 -16.56
CA ILE B 126 -4.34 -40.47 -15.28
C ILE B 126 -3.79 -39.07 -15.47
N ARG B 127 -2.75 -38.94 -16.30
CA ARG B 127 -2.18 -37.63 -16.58
C ARG B 127 -3.20 -36.67 -17.19
N GLU B 128 -3.97 -37.15 -18.16
CA GLU B 128 -4.99 -36.34 -18.82
C GLU B 128 -6.02 -35.86 -17.80
N LEU B 129 -6.38 -36.74 -16.88
CA LEU B 129 -7.32 -36.42 -15.82
C LEU B 129 -6.81 -35.27 -14.96
N ILE B 130 -5.58 -35.39 -14.47
CA ILE B 130 -4.96 -34.36 -13.63
C ILE B 130 -4.83 -33.04 -14.38
N CYS B 131 -4.41 -33.10 -15.64
CA CYS B 131 -4.32 -31.91 -16.47
C CYS B 131 -5.65 -31.19 -16.57
N TYR B 132 -6.73 -31.96 -16.74
CA TYR B 132 -8.07 -31.39 -16.79
C TYR B 132 -8.39 -30.62 -15.52
N CYS B 133 -8.15 -31.25 -14.37
CA CYS B 133 -8.41 -30.62 -13.09
C CYS B 133 -7.62 -29.32 -12.92
N LEU B 134 -6.34 -29.37 -13.27
CA LEU B 134 -5.47 -28.20 -13.16
C LEU B 134 -5.94 -27.08 -14.10
N ASP B 135 -6.27 -27.44 -15.34
CA ASP B 135 -6.80 -26.49 -16.31
C ASP B 135 -8.08 -25.82 -15.85
N THR B 136 -9.03 -26.64 -15.36
CA THR B 136 -10.30 -26.13 -14.88
C THR B 136 -10.09 -25.14 -13.75
N THR B 137 -9.19 -25.48 -12.82
CA THR B 137 -8.88 -24.59 -11.70
C THR B 137 -8.29 -23.28 -12.22
N ALA B 138 -7.46 -23.37 -13.25
CA ALA B 138 -6.88 -22.18 -13.87
C ALA B 138 -7.98 -21.28 -14.45
N GLU B 139 -8.82 -21.85 -15.30
CA GLU B 139 -9.91 -21.11 -15.93
C GLU B 139 -10.88 -20.49 -14.93
N ASN B 140 -11.22 -21.23 -13.89
CA ASN B 140 -12.13 -20.74 -12.85
C ASN B 140 -11.57 -19.54 -12.10
N GLN B 141 -10.27 -19.56 -11.80
CA GLN B 141 -9.63 -18.43 -11.13
C GLN B 141 -9.57 -17.21 -12.03
N ALA B 142 -9.39 -17.44 -13.33
CA ALA B 142 -9.40 -16.37 -14.32
C ALA B 142 -10.77 -15.72 -14.41
N MLY B 143 -11.81 -16.56 -14.34
CA MLY B 143 -13.19 -16.10 -14.36
CB MLY B 143 -14.14 -17.28 -14.54
CG MLY B 143 -14.10 -17.94 -15.91
CD MLY B 143 -15.26 -18.90 -16.06
CE MLY B 143 -15.19 -19.70 -17.35
NZ MLY B 143 -16.35 -20.63 -17.49
CH1 MLY B 143 -16.08 -21.49 -18.65
CH2 MLY B 143 -16.37 -21.50 -16.31
C MLY B 143 -13.52 -15.36 -13.08
O MLY B 143 -14.30 -14.41 -13.07
N ASN B 144 -12.91 -15.82 -11.99
CA ASN B 144 -13.07 -15.18 -10.68
C ASN B 144 -12.47 -13.78 -10.65
N GLU B 145 -11.26 -13.64 -11.17
CA GLU B 145 -10.59 -12.35 -11.25
C GLU B 145 -11.38 -11.38 -12.12
N HIS B 146 -11.81 -11.86 -13.28
CA HIS B 146 -12.59 -11.06 -14.21
C HIS B 146 -13.91 -10.59 -13.60
N LEU B 147 -14.66 -11.53 -13.03
CA LEU B 147 -15.99 -11.24 -12.49
C LEU B 147 -15.94 -10.33 -11.26
N GLN B 148 -14.86 -10.39 -10.50
CA GLN B 148 -14.71 -9.52 -9.35
C GLN B 148 -14.40 -8.08 -9.77
N LEU B 149 -13.58 -7.95 -10.81
CA LEU B 149 -13.27 -6.63 -11.38
C LEU B 149 -14.50 -5.99 -11.98
N GLU B 150 -15.23 -6.76 -12.79
CA GLU B 150 -16.48 -6.30 -13.38
C GLU B 150 -17.47 -5.91 -12.29
N PHE B 151 -17.51 -6.69 -11.22
CA PHE B 151 -18.40 -6.43 -10.09
C PHE B 151 -18.11 -5.08 -9.44
N ASN B 152 -16.84 -4.83 -9.14
CA ASN B 152 -16.44 -3.56 -8.55
C ASN B 152 -16.71 -2.39 -9.49
N GLN B 153 -16.44 -2.62 -10.77
CA GLN B 153 -16.60 -1.59 -11.79
C GLN B 153 -18.06 -1.24 -12.02
N ILE B 154 -18.92 -2.26 -12.03
CA ILE B 154 -20.35 -2.03 -12.22
C ILE B 154 -20.98 -1.45 -10.95
N MLY B 155 -20.34 -1.66 -9.81
CA MLY B 155 -20.87 -1.15 -8.53
CB MLY B 155 -20.30 -1.95 -7.35
CG MLY B 155 -20.84 -1.48 -6.00
CD MLY B 155 -20.17 -2.18 -4.83
CE MLY B 155 -20.63 -1.60 -3.51
NZ MLY B 155 -20.02 -2.27 -2.31
CH1 MLY B 155 -20.39 -3.69 -2.37
CH2 MLY B 155 -18.56 -2.20 -2.47
C MLY B 155 -20.59 0.33 -8.35
O MLY B 155 -21.46 1.08 -7.91
N ALA B 156 -19.37 0.75 -8.69
CA ALA B 156 -18.99 2.16 -8.68
C ALA B 156 -19.79 2.94 -9.72
N GLU B 157 -20.15 2.26 -10.79
CA GLU B 157 -20.90 2.83 -11.90
C GLU B 157 -22.35 3.09 -11.52
N ILE B 158 -22.77 2.56 -10.37
CA ILE B 158 -24.14 2.80 -9.90
C ILE B 158 -24.32 4.16 -9.27
N GLU B 159 -23.45 4.46 -8.30
CA GLU B 159 -23.54 5.70 -7.53
C GLU B 159 -23.08 6.89 -8.36
N ARG B 160 -22.35 6.63 -9.44
CA ARG B 160 -21.95 7.70 -10.34
C ARG B 160 -23.11 8.14 -11.21
N MLY B 161 -23.71 7.19 -11.93
CA MLY B 161 -24.81 7.48 -12.86
CB MLY B 161 -25.16 6.24 -13.67
CG MLY B 161 -24.30 6.02 -14.89
CD MLY B 161 -24.93 4.96 -15.78
CE MLY B 161 -24.23 4.84 -17.12
NZ MLY B 161 -25.01 3.99 -18.07
CH1 MLY B 161 -24.51 4.30 -19.42
CH2 MLY B 161 -24.66 2.59 -17.81
C MLY B 161 -26.07 8.00 -12.16
O MLY B 161 -26.82 8.78 -12.72
N LEU B 162 -26.29 7.52 -10.94
CA LEU B 162 -27.44 7.94 -10.14
C LEU B 162 -27.29 9.39 -9.70
N ALA B 163 -26.10 9.73 -9.22
CA ALA B 163 -25.82 11.09 -8.74
C ALA B 163 -26.04 12.16 -9.80
N GLU B 164 -25.66 11.86 -11.03
CA GLU B 164 -25.84 12.80 -12.15
C GLU B 164 -27.25 12.84 -12.71
N MLY B 165 -27.99 11.75 -12.55
CA MLY B 165 -29.38 11.74 -12.98
CB MLY B 165 -29.93 10.31 -13.05
CG MLY B 165 -30.18 9.86 -14.48
CD MLY B 165 -29.85 8.39 -14.68
CE MLY B 165 -29.24 8.16 -16.06
NZ MLY B 165 -30.20 8.35 -17.18
CH1 MLY B 165 -29.74 9.51 -17.97
CH2 MLY B 165 -30.06 7.18 -18.05
C MLY B 165 -30.20 12.58 -12.01
O MLY B 165 -31.23 13.15 -12.38
N ASP B 166 -29.73 12.68 -10.77
CA ASP B 166 -30.27 13.61 -9.80
C ASP B 166 -30.04 15.05 -10.23
N GLU B 167 -28.80 15.37 -10.60
CA GLU B 167 -28.45 16.73 -10.99
C GLU B 167 -29.24 17.19 -12.22
N GLU B 168 -29.26 16.35 -13.26
CA GLU B 168 -30.01 16.63 -14.47
C GLU B 168 -31.49 16.88 -14.21
N MET B 169 -32.02 16.21 -13.20
CA MET B 169 -33.40 16.44 -12.77
C MET B 169 -33.52 17.75 -12.00
N GLU B 170 -32.70 17.89 -10.96
CA GLU B 170 -32.72 19.06 -10.08
C GLU B 170 -32.51 20.34 -10.89
N GLN B 171 -31.64 20.26 -11.89
CA GLN B 171 -31.40 21.36 -12.82
C GLN B 171 -32.64 21.66 -13.66
N ALA B 172 -33.15 20.62 -14.33
CA ALA B 172 -34.35 20.72 -15.16
C ALA B 172 -35.51 21.35 -14.42
N MLY B 173 -35.66 21.03 -13.14
CA MLY B 173 -36.73 21.59 -12.34
CB MLY B 173 -36.87 20.84 -11.02
CG MLY B 173 -37.87 21.48 -10.08
CD MLY B 173 -38.18 20.61 -8.88
CE MLY B 173 -38.97 21.40 -7.86
NZ MLY B 173 -39.36 20.55 -6.70
CH1 MLY B 173 -39.66 21.46 -5.60
CH2 MLY B 173 -40.62 19.91 -7.08
C MLY B 173 -36.51 23.08 -12.08
O MLY B 173 -37.46 23.87 -12.15
N ARG B 174 -35.27 23.46 -11.80
CA ARG B 174 -34.91 24.85 -11.57
C ARG B 174 -35.20 25.73 -12.76
N ASN B 175 -34.82 25.25 -13.94
CA ASN B 175 -35.11 25.94 -15.19
C ASN B 175 -36.61 26.18 -15.34
N HIS B 176 -37.37 25.11 -15.15
CA HIS B 176 -38.82 25.14 -15.20
C HIS B 176 -39.40 26.19 -14.26
N LEU B 177 -38.96 26.19 -13.01
CA LEU B 177 -39.43 27.16 -12.03
C LEU B 177 -39.23 28.58 -12.54
N ARG B 178 -38.01 28.87 -12.97
CA ARG B 178 -37.68 30.18 -13.53
C ARG B 178 -38.64 30.56 -14.67
N VAL B 179 -38.86 29.63 -15.60
CA VAL B 179 -39.81 29.83 -16.71
C VAL B 179 -41.22 30.10 -16.19
N VAL B 180 -41.70 29.25 -15.29
CA VAL B 180 -43.01 29.42 -14.66
C VAL B 180 -43.12 30.75 -13.94
N ASP B 181 -42.08 31.11 -13.20
CA ASP B 181 -42.05 32.32 -12.41
C ASP B 181 -42.34 33.58 -13.25
N SER B 182 -41.86 33.60 -14.50
CA SER B 182 -42.13 34.73 -15.39
C SER B 182 -43.58 34.69 -15.90
N LEU B 183 -43.98 33.54 -16.43
CA LEU B 183 -45.33 33.36 -16.97
C LEU B 183 -46.40 33.76 -15.99
N GLN B 184 -46.30 33.27 -14.77
CA GLN B 184 -47.21 33.66 -13.70
C GLN B 184 -47.29 35.18 -13.54
N THR B 185 -46.13 35.84 -13.46
CA THR B 185 -46.08 37.31 -13.34
C THR B 185 -46.72 37.99 -14.55
N SER B 186 -46.42 37.52 -15.75
CA SER B 186 -47.01 38.08 -16.96
C SER B 186 -48.53 37.92 -17.02
N LEU B 187 -49.05 36.93 -16.30
CA LEU B 187 -50.50 36.77 -16.18
C LEU B 187 -51.05 37.82 -15.23
N ASP B 188 -50.51 37.85 -14.01
CA ASP B 188 -50.96 38.76 -12.97
C ASP B 188 -50.95 40.22 -13.43
N ALA B 189 -49.81 40.64 -13.99
CA ALA B 189 -49.65 41.96 -14.58
C ALA B 189 -50.73 42.23 -15.62
N GLU B 190 -50.88 41.32 -16.55
CA GLU B 190 -51.82 41.48 -17.66
C GLU B 190 -53.28 41.44 -17.18
N THR B 191 -53.52 40.80 -16.03
CA THR B 191 -54.83 40.87 -15.38
C THR B 191 -54.98 42.21 -14.67
N ARG B 192 -53.97 42.53 -13.87
CA ARG B 192 -53.99 43.72 -13.02
C ARG B 192 -54.23 45.00 -13.81
N SER B 193 -53.44 45.22 -14.86
CA SER B 193 -53.54 46.45 -15.65
C SER B 193 -54.93 46.62 -16.25
N ARG B 194 -55.42 45.55 -16.88
CA ARG B 194 -56.71 45.54 -17.55
C ARG B 194 -57.83 45.50 -16.50
N GLY C 4 29.24 17.73 30.02
CA GLY C 4 30.20 17.78 28.93
C GLY C 4 29.52 17.72 27.57
N GLU C 5 30.30 17.99 26.53
CA GLU C 5 29.78 17.98 25.16
C GLU C 5 30.43 16.88 24.32
N ARG C 6 29.89 16.66 23.12
CA ARG C 6 30.52 15.72 22.19
C ARG C 6 30.21 16.14 20.75
N MLY C 7 30.91 15.52 19.80
CA MLY C 7 30.71 15.82 18.39
CB MLY C 7 31.57 17.02 17.99
CG MLY C 7 31.56 17.31 16.50
CD MLY C 7 30.25 17.91 16.07
CE MLY C 7 30.15 17.95 14.55
NZ MLY C 7 29.11 18.88 14.06
CH1 MLY C 7 28.82 18.49 12.68
CH2 MLY C 7 27.89 18.64 14.84
C MLY C 7 31.01 14.63 17.50
O MLY C 7 32.17 14.22 17.33
N ILE C 8 29.95 14.06 16.92
CA ILE C 8 30.07 12.94 15.99
C ILE C 8 30.31 13.42 14.57
N SER C 9 31.52 13.19 14.06
CA SER C 9 31.88 13.62 12.71
C SER C 9 31.99 12.43 11.77
N ARG C 10 31.92 12.70 10.46
CA ARG C 10 32.06 11.65 9.47
C ARG C 10 33.33 11.90 8.65
N ILE C 11 34.25 10.94 8.66
CA ILE C 11 35.55 11.10 8.01
C ILE C 11 35.90 9.99 7.02
N HIS C 12 36.76 10.31 6.05
CA HIS C 12 37.27 9.31 5.12
C HIS C 12 38.76 9.06 5.33
N LEU C 13 39.11 7.82 5.66
CA LEU C 13 40.51 7.45 5.81
C LEU C 13 41.16 7.30 4.43
N VAL C 14 42.47 7.53 4.40
CA VAL C 14 43.26 7.44 3.16
C VAL C 14 43.43 6.01 2.64
N SER C 15 43.49 5.04 3.54
CA SER C 15 43.53 3.64 3.14
C SER C 15 42.17 3.09 2.72
N GLU C 16 41.11 3.73 3.18
CA GLU C 16 39.73 3.30 2.92
C GLU C 16 38.79 4.44 2.58
N PRO C 17 39.03 5.10 1.44
CA PRO C 17 38.15 6.20 1.04
C PRO C 17 36.74 5.70 0.72
N SER C 18 36.61 4.42 0.40
CA SER C 18 35.32 3.84 0.07
C SER C 18 34.40 3.75 1.28
N ILE C 19 34.98 3.43 2.43
CA ILE C 19 34.22 3.28 3.66
C ILE C 19 34.21 4.57 4.48
N THR C 20 33.02 5.02 4.86
CA THR C 20 32.90 6.15 5.76
C THR C 20 33.12 5.74 7.21
N HIS C 21 34.11 6.33 7.87
CA HIS C 21 34.32 6.09 9.29
C HIS C 21 33.71 7.20 10.12
N PHE C 22 33.37 6.90 11.37
CA PHE C 22 32.79 7.92 12.23
C PHE C 22 33.74 8.23 13.36
N LEU C 23 33.90 9.53 13.62
CA LEU C 23 34.81 9.98 14.66
C LEU C 23 34.01 10.68 15.74
N GLN C 24 34.12 10.18 16.96
CA GLN C 24 33.34 10.74 18.06
C GLN C 24 34.26 11.36 19.11
N VAL C 25 34.20 12.68 19.24
CA VAL C 25 35.05 13.40 20.18
C VAL C 25 34.22 13.98 21.32
N SER C 26 34.57 13.66 22.56
CA SER C 26 33.87 14.19 23.71
C SER C 26 34.83 14.94 24.63
N TRP C 27 34.39 16.06 25.18
CA TRP C 27 35.22 16.86 26.07
C TRP C 27 34.38 17.49 27.19
N GLU C 28 35.05 17.89 28.26
CA GLU C 28 34.34 18.44 29.42
C GLU C 28 33.93 19.90 29.21
N MLY C 29 34.91 20.79 29.16
CA MLY C 29 34.63 22.22 29.05
CB MLY C 29 35.23 22.96 30.26
CG MLY C 29 35.15 22.15 31.55
CD MLY C 29 35.65 22.94 32.75
CE MLY C 29 34.78 24.16 33.02
NZ MLY C 29 35.24 24.93 34.21
CH1 MLY C 29 36.53 25.53 33.85
CH2 MLY C 29 34.29 26.05 34.38
C MLY C 29 35.19 22.79 27.75
O MLY C 29 34.47 23.43 26.97
N THR C 30 36.48 22.54 27.52
CA THR C 30 37.13 22.86 26.25
C THR C 30 38.02 21.69 25.85
N LEU C 31 38.37 21.62 24.57
CA LEU C 31 39.28 20.57 24.11
C LEU C 31 40.61 20.68 24.84
N GLU C 32 41.00 21.91 25.18
CA GLU C 32 42.27 22.18 25.83
C GLU C 32 42.46 21.41 27.14
N SER C 33 41.36 21.17 27.85
CA SER C 33 41.39 20.46 29.12
C SER C 33 41.53 18.95 28.93
N GLY C 34 41.52 18.50 27.68
CA GLY C 34 41.62 17.09 27.35
C GLY C 34 40.35 16.59 26.69
N PHE C 35 40.44 15.49 25.96
CA PHE C 35 39.29 14.96 25.25
C PHE C 35 39.43 13.47 24.95
N VAL C 36 38.28 12.79 24.85
CA VAL C 36 38.22 11.40 24.45
C VAL C 36 37.83 11.29 22.99
N ILE C 37 38.56 10.47 22.23
CA ILE C 37 38.31 10.33 20.80
C ILE C 37 38.11 8.86 20.43
N THR C 38 37.08 8.59 19.63
CA THR C 38 36.71 7.24 19.23
C THR C 38 36.48 7.10 17.74
N LEU C 39 37.14 6.13 17.13
CA LEU C 39 36.92 5.83 15.72
C LEU C 39 36.07 4.57 15.62
N THR C 40 35.12 4.54 14.67
CA THR C 40 34.32 3.34 14.45
C THR C 40 33.88 3.22 13.00
N ASP C 41 33.82 1.98 12.51
CA ASP C 41 33.35 1.73 11.15
C ASP C 41 32.00 1.06 11.15
N GLY C 42 31.36 1.03 12.31
CA GLY C 42 30.05 0.41 12.44
C GLY C 42 30.15 -1.00 12.97
N HIS C 43 31.36 -1.54 13.00
CA HIS C 43 31.59 -2.90 13.48
C HIS C 43 32.57 -2.91 14.64
N SER C 44 33.72 -2.29 14.44
CA SER C 44 34.73 -2.21 15.48
C SER C 44 34.87 -0.77 15.95
N ALA C 45 35.50 -0.58 17.10
CA ALA C 45 35.69 0.76 17.64
C ALA C 45 37.04 0.87 18.34
N TRP C 46 37.72 1.98 18.10
CA TRP C 46 39.01 2.25 18.73
C TRP C 46 38.94 3.55 19.52
N THR C 47 39.16 3.46 20.82
CA THR C 47 39.04 4.62 21.69
C THR C 47 40.36 4.97 22.37
N GLY C 48 40.68 6.25 22.35
CA GLY C 48 41.85 6.74 23.06
C GLY C 48 41.52 8.00 23.81
N THR C 49 42.21 8.21 24.93
CA THR C 49 42.03 9.41 25.72
C THR C 49 43.25 10.31 25.55
N VAL C 50 42.99 11.57 25.21
CA VAL C 50 44.07 12.54 25.06
C VAL C 50 43.99 13.56 26.19
N SER C 51 45.03 13.60 27.01
CA SER C 51 45.03 14.46 28.18
C SER C 51 45.53 15.86 27.86
N GLU C 52 45.37 16.76 28.84
CA GLU C 52 45.84 18.13 28.72
C GLU C 52 47.34 18.14 28.45
N SER C 53 48.06 17.31 29.20
CA SER C 53 49.51 17.23 29.09
C SER C 53 49.96 16.79 27.69
N GLU C 54 49.19 15.90 27.09
CA GLU C 54 49.51 15.37 25.76
C GLU C 54 49.26 16.41 24.67
N ILE C 55 48.23 17.23 24.87
CA ILE C 55 47.96 18.35 23.95
C ILE C 55 49.08 19.39 23.96
N SER C 56 49.46 19.83 25.16
CA SER C 56 50.52 20.82 25.30
C SER C 56 51.84 20.30 24.74
N GLN C 57 52.15 19.03 25.03
CA GLN C 57 53.38 18.41 24.57
C GLN C 57 53.42 18.30 23.06
N GLU C 58 52.30 17.89 22.46
CA GLU C 58 52.23 17.77 21.01
C GLU C 58 52.29 19.15 20.36
N ALA C 59 51.84 20.17 21.08
CA ALA C 59 51.91 21.55 20.61
C ALA C 59 53.34 22.09 20.67
N ASP C 60 54.09 21.67 21.68
CA ASP C 60 55.46 22.14 21.83
C ASP C 60 56.41 21.39 20.92
N ASP C 61 56.04 20.15 20.58
CA ASP C 61 56.82 19.37 19.64
C ASP C 61 56.66 19.93 18.23
N MET C 62 55.53 20.57 17.98
CA MET C 62 55.31 21.27 16.71
C MET C 62 55.83 22.69 16.76
N ALA C 63 56.25 23.12 17.94
CA ALA C 63 56.63 24.52 18.18
C ALA C 63 55.48 25.46 17.83
N MET C 64 54.28 25.13 18.31
CA MET C 64 53.10 25.96 18.13
C MET C 64 52.64 26.58 19.44
N GLU C 65 52.05 27.76 19.35
CA GLU C 65 51.38 28.34 20.52
C GLU C 65 50.19 27.44 20.84
N MLY C 66 49.94 27.21 22.12
CA MLY C 66 49.00 26.19 22.56
CB MLY C 66 49.11 25.96 24.07
CG MLY C 66 48.50 24.64 24.53
CD MLY C 66 48.77 24.40 26.00
CE MLY C 66 48.14 25.48 26.86
NZ MLY C 66 48.29 25.18 28.32
CH1 MLY C 66 47.63 26.27 29.04
CH2 MLY C 66 47.51 23.96 28.58
C MLY C 66 47.56 26.48 22.16
O MLY C 66 46.78 25.56 21.89
N GLY C 67 47.21 27.75 22.12
CA GLY C 67 45.89 28.16 21.70
C GLY C 67 45.67 27.93 20.21
N MLY C 68 46.72 28.14 19.42
CA MLY C 68 46.63 28.00 17.97
CB MLY C 68 47.81 28.68 17.27
CG MLY C 68 47.53 29.03 15.81
CD MLY C 68 48.61 28.51 14.88
CE MLY C 68 49.84 29.40 14.89
NZ MLY C 68 49.62 30.65 14.11
CH1 MLY C 68 50.40 31.71 14.77
CH2 MLY C 68 50.25 30.43 12.80
C MLY C 68 46.56 26.54 17.59
O MLY C 68 46.02 26.19 16.54
N TYR C 69 47.12 25.68 18.44
CA TYR C 69 47.09 24.25 18.17
C TYR C 69 45.75 23.65 18.55
N VAL C 70 45.20 24.06 19.68
CA VAL C 70 43.89 23.62 20.11
C VAL C 70 42.86 24.07 19.08
N GLY C 71 43.05 25.27 18.53
CA GLY C 71 42.21 25.80 17.47
C GLY C 71 42.23 24.89 16.25
N GLU C 72 43.39 24.33 15.95
CA GLU C 72 43.53 23.35 14.87
C GLU C 72 42.77 22.06 15.16
N LEU C 73 42.81 21.62 16.40
CA LEU C 73 42.08 20.44 16.82
C LEU C 73 40.57 20.63 16.65
N ARG C 74 40.08 21.82 17.00
CA ARG C 74 38.67 22.10 16.83
C ARG C 74 38.28 22.05 15.36
N MLY C 75 39.10 22.65 14.51
CA MLY C 75 38.80 22.67 13.07
CB MLY C 75 39.72 23.66 12.35
CG MLY C 75 39.56 25.10 12.82
CD MLY C 75 40.55 26.02 12.09
CE MLY C 75 40.41 27.47 12.54
NZ MLY C 75 41.30 28.37 11.76
CH1 MLY C 75 40.80 29.74 11.95
CH2 MLY C 75 42.63 28.31 12.38
C MLY C 75 38.89 21.28 12.44
O MLY C 75 38.15 20.96 11.51
N ALA C 76 39.78 20.45 12.97
CA ALA C 76 40.04 19.14 12.37
C ALA C 76 39.08 18.06 12.87
N LEU C 77 38.75 18.09 14.16
CA LEU C 77 37.96 17.03 14.77
C LEU C 77 36.48 17.34 14.90
N LEU C 78 36.10 18.60 14.67
CA LEU C 78 34.72 19.02 14.86
C LEU C 78 34.11 19.60 13.59
N SER C 79 34.74 19.35 12.45
CA SER C 79 34.29 19.83 11.14
C SER C 79 34.03 21.33 11.13
N ASP C 85 39.69 17.98 0.41
CA ASP C 85 39.46 18.89 1.53
C ASP C 85 40.72 19.17 2.34
N VAL C 86 40.61 20.10 3.29
CA VAL C 86 41.77 20.63 4.00
C VAL C 86 42.46 19.61 4.90
N TYR C 87 41.69 18.80 5.62
CA TYR C 87 42.31 17.85 6.52
C TYR C 87 42.19 16.41 6.01
N THR C 88 43.25 15.65 6.19
CA THR C 88 43.31 14.28 5.73
C THR C 88 43.56 13.36 6.94
N PHE C 89 42.79 12.28 7.04
CA PHE C 89 42.86 11.41 8.21
C PHE C 89 43.44 10.04 7.88
N ASN C 90 44.23 9.53 8.81
CA ASN C 90 44.90 8.25 8.62
C ASN C 90 44.84 7.37 9.86
N PHE C 91 44.54 6.10 9.69
CA PHE C 91 44.53 5.17 10.80
C PHE C 91 45.09 3.82 10.41
N SER C 92 45.89 3.23 11.30
CA SER C 92 46.43 1.89 11.10
C SER C 92 45.86 0.98 12.18
N MLY C 93 45.29 -0.14 11.76
CA MLY C 93 44.63 -1.04 12.69
CB MLY C 93 43.65 -1.95 11.91
CG MLY C 93 42.73 -1.17 10.98
CD MLY C 93 41.80 -2.09 10.18
CE MLY C 93 41.03 -1.33 9.08
NZ MLY C 93 39.91 -0.46 9.55
CH1 MLY C 93 40.27 0.93 9.21
CH2 MLY C 93 38.74 -0.78 8.72
C MLY C 93 45.65 -1.88 13.45
O MLY C 93 45.43 -2.25 14.60
N GLU C 94 46.77 -2.13 12.80
CA GLU C 94 47.88 -2.87 13.39
C GLU C 94 48.49 -2.11 14.57
N SER C 95 48.83 -0.84 14.35
CA SER C 95 49.43 -0.07 15.44
C SER C 95 48.41 0.67 16.28
N CYS C 96 47.14 0.62 15.87
CA CYS C 96 46.08 1.35 16.54
C CYS C 96 46.47 2.82 16.67
N TYR C 97 47.02 3.36 15.59
CA TYR C 97 47.60 4.70 15.60
C TYR C 97 46.85 5.63 14.66
N PHE C 98 46.23 6.65 15.26
CA PHE C 98 45.41 7.58 14.49
C PHE C 98 46.09 8.95 14.40
N PHE C 99 46.52 9.31 13.20
CA PHE C 99 47.13 10.61 12.98
C PHE C 99 46.46 11.34 11.82
N PHE C 100 46.51 12.67 11.84
CA PHE C 100 45.89 13.48 10.80
C PHE C 100 46.75 14.70 10.45
N GLU C 101 46.65 15.12 9.19
CA GLU C 101 47.49 16.21 8.67
C GLU C 101 46.66 17.34 8.09
N MLY C 102 47.14 18.57 8.25
CA MLY C 102 46.54 19.70 7.54
CB MLY C 102 46.58 20.98 8.36
CG MLY C 102 45.92 22.14 7.63
CD MLY C 102 46.04 23.45 8.38
CE MLY C 102 45.05 24.44 7.80
NZ MLY C 102 45.27 25.86 8.23
CH1 MLY C 102 44.30 26.65 7.46
CH2 MLY C 102 44.85 25.96 9.63
C MLY C 102 47.25 19.92 6.21
O MLY C 102 48.48 20.03 6.18
N ASN C 103 46.48 19.96 5.14
CA ASN C 103 47.02 20.17 3.80
C ASN C 103 46.86 21.61 3.35
N LEU C 104 47.84 22.11 2.61
CA LEU C 104 47.81 23.48 2.13
C LEU C 104 48.33 23.48 0.71
N MLY C 105 48.68 24.64 0.19
CA MLY C 105 49.07 24.78 -1.21
CB MLY C 105 49.16 26.25 -1.62
CG MLY C 105 47.83 26.89 -1.97
CD MLY C 105 48.03 28.20 -2.74
CE MLY C 105 48.52 27.97 -4.17
NZ MLY C 105 49.99 27.77 -4.29
CH1 MLY C 105 50.20 26.73 -5.30
CH2 MLY C 105 50.53 29.02 -4.84
C MLY C 105 50.38 24.07 -1.56
O MLY C 105 50.39 23.15 -2.38
N ASP C 106 51.47 24.49 -0.94
CA ASP C 106 52.77 23.89 -1.21
C ASP C 106 53.36 23.30 0.07
N VAL C 107 52.49 23.02 1.04
CA VAL C 107 52.92 22.39 2.28
C VAL C 107 51.78 21.58 2.91
N SER C 108 52.11 20.47 3.54
CA SER C 108 51.13 19.72 4.32
C SER C 108 51.90 19.16 5.51
N PHE C 109 51.36 19.36 6.71
CA PHE C 109 52.07 19.00 7.93
C PHE C 109 51.26 18.15 8.89
N ARG C 110 51.97 17.23 9.54
CA ARG C 110 51.42 16.36 10.59
C ARG C 110 50.84 17.22 11.70
N LEU C 111 49.56 17.08 11.97
CA LEU C 111 48.89 17.95 12.93
C LEU C 111 48.72 17.28 14.29
N GLY C 112 48.59 15.96 14.29
CA GLY C 112 48.41 15.23 15.53
C GLY C 112 48.70 13.75 15.40
N SER C 113 48.88 13.09 16.54
CA SER C 113 49.05 11.64 16.57
C SER C 113 48.64 11.09 17.94
N PHE C 114 47.67 10.18 17.94
CA PHE C 114 47.14 9.62 19.18
C PHE C 114 46.93 8.11 19.12
N ASN C 115 47.11 7.45 20.25
CA ASN C 115 46.90 6.01 20.33
C ASN C 115 45.49 5.65 20.73
N LEU C 116 44.84 4.81 19.94
CA LEU C 116 43.48 4.40 20.21
C LEU C 116 43.43 2.90 20.48
N GLU C 117 43.15 2.53 21.74
CA GLU C 117 42.96 1.13 22.09
C GLU C 117 41.72 0.59 21.40
N MLY C 118 41.78 -0.64 20.91
CA MLY C 118 40.61 -1.28 20.32
CB MLY C 118 40.97 -2.50 19.50
CG MLY C 118 39.81 -3.03 18.65
CD MLY C 118 40.06 -4.44 18.14
CE MLY C 118 39.40 -4.63 16.78
NZ MLY C 118 39.22 -6.05 16.38
CH1 MLY C 118 38.94 -6.04 14.94
CH2 MLY C 118 40.51 -6.75 16.57
C MLY C 118 39.63 -1.66 21.43
O MLY C 118 39.97 -2.42 22.33
N VAL C 119 38.42 -1.11 21.35
CA VAL C 119 37.39 -1.36 22.34
C VAL C 119 36.98 -2.83 22.37
N GLU C 120 36.82 -3.37 23.57
CA GLU C 120 36.46 -4.78 23.72
C GLU C 120 34.95 -4.99 23.55
N ASN C 121 34.19 -3.90 23.67
CA ASN C 121 32.75 -3.95 23.45
C ASN C 121 32.30 -2.87 22.47
N PRO C 122 32.55 -3.10 21.17
CA PRO C 122 32.21 -2.12 20.14
C PRO C 122 30.70 -1.91 20.02
N ALA C 123 29.93 -2.98 20.13
CA ALA C 123 28.48 -2.90 20.01
C ALA C 123 27.90 -1.94 21.04
N GLU C 124 28.45 -1.96 22.25
CA GLU C 124 28.00 -1.06 23.31
C GLU C 124 28.26 0.39 22.96
N VAL C 125 29.48 0.68 22.48
CA VAL C 125 29.85 2.02 22.04
C VAL C 125 28.97 2.51 20.91
N ILE C 126 28.76 1.65 19.93
CA ILE C 126 27.95 1.99 18.77
C ILE C 126 26.50 2.27 19.16
N ARG C 127 25.96 1.44 20.04
CA ARG C 127 24.60 1.65 20.51
C ARG C 127 24.44 3.00 21.21
N GLU C 128 25.39 3.34 22.07
CA GLU C 128 25.39 4.61 22.79
C GLU C 128 25.46 5.76 21.80
N LEU C 129 26.26 5.57 20.76
CA LEU C 129 26.41 6.56 19.70
C LEU C 129 25.07 6.82 19.01
N ILE C 130 24.41 5.75 18.58
CA ILE C 130 23.11 5.88 17.91
C ILE C 130 22.07 6.51 18.81
N CYS C 131 22.03 6.11 20.08
CA CYS C 131 21.11 6.70 21.05
C CYS C 131 21.29 8.20 21.16
N TYR C 132 22.54 8.65 21.20
CA TYR C 132 22.84 10.08 21.25
C TYR C 132 22.27 10.78 20.02
N CYS C 133 22.52 10.20 18.86
CA CYS C 133 22.02 10.75 17.60
C CYS C 133 20.50 10.86 17.57
N LEU C 134 19.82 9.79 17.98
CA LEU C 134 18.37 9.78 17.99
C LEU C 134 17.78 10.82 18.94
N ASP C 135 18.33 10.88 20.14
CA ASP C 135 17.91 11.88 21.12
C ASP C 135 18.15 13.29 20.61
N THR C 136 19.35 13.53 20.08
CA THR C 136 19.72 14.83 19.55
C THR C 136 18.79 15.23 18.41
N THR C 137 18.51 14.31 17.51
CA THR C 137 17.61 14.58 16.39
C THR C 137 16.21 14.91 16.88
N ALA C 138 15.77 14.20 17.92
CA ALA C 138 14.47 14.44 18.51
C ALA C 138 14.35 15.86 19.07
N GLU C 139 15.29 16.21 19.96
CA GLU C 139 15.32 17.53 20.57
C GLU C 139 15.45 18.64 19.53
N ASN C 140 16.30 18.43 18.54
CA ASN C 140 16.51 19.44 17.50
C ASN C 140 15.27 19.70 16.66
N GLN C 141 14.56 18.66 16.26
CA GLN C 141 13.34 18.83 15.47
C GLN C 141 12.24 19.43 16.33
N ALA C 142 12.27 19.11 17.62
CA ALA C 142 11.34 19.69 18.58
C ALA C 142 11.55 21.20 18.71
N MLY C 143 12.80 21.63 18.64
CA MLY C 143 13.13 23.05 18.65
CB MLY C 143 14.62 23.28 18.85
CG MLY C 143 15.05 23.46 20.30
CD MLY C 143 16.25 24.39 20.45
CE MLY C 143 17.57 23.64 20.37
NZ MLY C 143 18.73 24.55 20.60
CH1 MLY C 143 19.89 23.70 20.93
CH2 MLY C 143 19.02 25.20 19.32
C MLY C 143 12.67 23.71 17.35
O MLY C 143 12.13 24.82 17.36
N ASN C 144 12.86 23.00 16.24
CA ASN C 144 12.46 23.49 14.92
C ASN C 144 10.96 23.75 14.84
N GLU C 145 10.19 22.79 15.34
CA GLU C 145 8.74 22.89 15.37
C GLU C 145 8.25 24.06 16.23
N HIS C 146 8.84 24.22 17.41
CA HIS C 146 8.47 25.29 18.32
C HIS C 146 8.70 26.65 17.67
N LEU C 147 9.89 26.85 17.11
CA LEU C 147 10.25 28.12 16.50
C LEU C 147 9.40 28.38 15.26
N GLN C 148 8.94 27.32 14.62
CA GLN C 148 8.07 27.47 13.45
C GLN C 148 6.68 27.94 13.90
N LEU C 149 6.22 27.44 15.04
CA LEU C 149 4.96 27.89 15.63
C LEU C 149 5.06 29.35 16.04
N GLU C 150 6.14 29.69 16.74
CA GLU C 150 6.35 31.07 17.15
C GLU C 150 6.40 31.99 15.92
N PHE C 151 7.06 31.53 14.87
CA PHE C 151 7.12 32.30 13.62
C PHE C 151 5.73 32.47 12.99
N ASN C 152 5.02 31.35 12.82
CA ASN C 152 3.70 31.38 12.21
C ASN C 152 2.68 32.21 12.97
N GLN C 153 2.67 32.07 14.29
CA GLN C 153 1.69 32.77 15.11
C GLN C 153 1.96 34.28 15.18
N ILE C 154 3.22 34.65 15.27
CA ILE C 154 3.60 36.06 15.31
C ILE C 154 3.39 36.67 13.91
N MLY C 155 3.49 35.84 12.88
CA MLY C 155 3.16 36.25 11.52
CB MLY C 155 3.66 35.24 10.51
CG MLY C 155 3.29 35.54 9.06
CD MLY C 155 3.94 34.54 8.12
CE MLY C 155 3.60 34.81 6.67
NZ MLY C 155 4.37 33.92 5.74
CH1 MLY C 155 5.79 34.24 5.90
CH2 MLY C 155 4.20 32.53 6.20
C MLY C 155 1.64 36.41 11.39
O MLY C 155 1.15 37.25 10.64
N ALA C 156 0.91 35.59 12.13
CA ALA C 156 -0.55 35.68 12.18
C ALA C 156 -0.98 36.97 12.87
N GLU C 157 -0.18 37.43 13.83
CA GLU C 157 -0.47 38.66 14.54
C GLU C 157 -0.15 39.87 13.66
N ILE C 158 0.58 39.63 12.58
CA ILE C 158 0.90 40.69 11.63
C ILE C 158 -0.27 40.96 10.69
N GLU C 159 -0.82 39.90 10.12
CA GLU C 159 -1.90 40.04 9.15
C GLU C 159 -3.20 40.46 9.85
N ARG C 160 -3.26 40.27 11.16
CA ARG C 160 -4.40 40.75 11.94
C ARG C 160 -4.35 42.25 12.19
N MLY C 161 -3.20 42.72 12.68
CA MLY C 161 -3.01 44.13 13.01
CB MLY C 161 -1.66 44.34 13.72
CG MLY C 161 -1.63 43.83 15.14
CD MLY C 161 -0.31 44.20 15.81
CE MLY C 161 -0.37 44.01 17.31
NZ MLY C 161 0.82 44.61 17.98
CH1 MLY C 161 0.43 44.97 19.34
CH2 MLY C 161 1.83 43.56 18.09
C MLY C 161 -3.09 45.02 11.77
O MLY C 161 -3.67 46.10 11.83
N LEU C 162 -2.53 44.55 10.67
CA LEU C 162 -2.66 45.25 9.40
C LEU C 162 -4.11 45.26 8.93
N ALA C 163 -4.78 44.11 9.02
CA ALA C 163 -6.16 44.01 8.54
C ALA C 163 -7.12 45.01 9.19
N GLU C 164 -7.01 45.25 10.50
CA GLU C 164 -7.88 46.26 11.11
C GLU C 164 -7.36 47.67 10.86
N MLY C 165 -6.05 47.80 10.69
CA MLY C 165 -5.46 49.08 10.33
CB MLY C 165 -3.94 49.04 10.57
CG MLY C 165 -3.27 50.41 10.54
CD MLY C 165 -2.42 50.63 11.79
CE MLY C 165 -3.25 50.50 13.06
NZ MLY C 165 -2.57 51.09 14.24
CH1 MLY C 165 -3.37 50.69 15.42
CH2 MLY C 165 -1.26 50.45 14.38
C MLY C 165 -5.78 49.41 8.89
O MLY C 165 -5.70 50.56 8.47
N ASP C 166 -6.16 48.41 8.12
CA ASP C 166 -6.64 48.61 6.76
C ASP C 166 -8.11 49.03 6.75
N GLU C 167 -8.95 48.31 7.50
CA GLU C 167 -10.39 48.59 7.56
C GLU C 167 -10.70 50.00 8.05
N GLU C 168 -10.06 50.41 9.14
CA GLU C 168 -10.21 51.76 9.67
C GLU C 168 -9.87 52.83 8.62
N MET C 169 -8.99 52.51 7.69
CA MET C 169 -8.69 53.42 6.59
C MET C 169 -9.83 53.53 5.59
N GLU C 170 -10.24 52.40 5.05
CA GLU C 170 -11.31 52.36 4.05
C GLU C 170 -12.60 52.99 4.59
N GLN C 171 -12.88 52.78 5.87
CA GLN C 171 -14.03 53.42 6.49
C GLN C 171 -13.86 54.93 6.48
N ALA C 172 -12.75 55.41 7.02
CA ALA C 172 -12.41 56.83 7.01
C ALA C 172 -12.47 57.41 5.60
N MLY C 173 -12.03 56.63 4.61
CA MLY C 173 -12.05 57.05 3.22
CB MLY C 173 -11.32 56.05 2.34
CG MLY C 173 -11.59 56.21 0.84
CD MLY C 173 -11.10 57.55 0.31
CE MLY C 173 -9.59 57.58 0.19
NZ MLY C 173 -8.99 58.73 0.90
CH1 MLY C 173 -7.63 58.30 1.26
CH2 MLY C 173 -8.84 59.79 -0.09
C MLY C 173 -13.47 57.24 2.72
O MLY C 173 -13.77 58.26 2.08
N ARG C 174 -14.35 56.28 3.00
CA ARG C 174 -15.76 56.40 2.64
C ARG C 174 -16.43 57.59 3.31
N ASN C 175 -16.18 57.79 4.61
CA ASN C 175 -16.71 58.96 5.30
C ASN C 175 -16.32 60.26 4.61
N HIS C 176 -15.03 60.41 4.31
CA HIS C 176 -14.53 61.58 3.60
C HIS C 176 -15.29 61.83 2.30
N LEU C 177 -15.43 60.77 1.50
CA LEU C 177 -16.16 60.82 0.24
C LEU C 177 -17.58 61.33 0.47
N ARG C 178 -18.27 60.70 1.42
CA ARG C 178 -19.64 61.10 1.78
C ARG C 178 -19.74 62.57 2.16
N VAL C 179 -18.86 62.99 3.08
CA VAL C 179 -18.76 64.37 3.56
C VAL C 179 -18.55 65.37 2.44
N VAL C 180 -17.57 65.11 1.58
CA VAL C 180 -17.31 65.96 0.43
C VAL C 180 -18.53 66.06 -0.48
N ASP C 181 -19.14 64.93 -0.80
CA ASP C 181 -20.29 64.89 -1.70
C ASP C 181 -21.46 65.73 -1.18
N SER C 182 -21.66 65.70 0.14
CA SER C 182 -22.74 66.45 0.75
C SER C 182 -22.40 67.93 0.71
N LEU C 183 -21.20 68.28 1.18
CA LEU C 183 -20.73 69.67 1.16
C LEU C 183 -20.79 70.26 -0.24
N GLN C 184 -20.26 69.53 -1.21
CA GLN C 184 -20.31 69.96 -2.61
C GLN C 184 -21.72 70.30 -3.07
N THR C 185 -22.68 69.40 -2.82
CA THR C 185 -24.06 69.65 -3.19
C THR C 185 -24.66 70.84 -2.44
N SER C 186 -24.46 70.89 -1.13
CA SER C 186 -24.95 72.02 -0.34
C SER C 186 -24.24 73.31 -0.75
N LEU C 187 -23.06 73.18 -1.34
CA LEU C 187 -22.35 74.34 -1.86
C LEU C 187 -23.02 74.83 -3.13
N ASP C 188 -23.16 73.92 -4.10
CA ASP C 188 -23.78 74.23 -5.38
C ASP C 188 -25.18 74.80 -5.19
N ALA C 189 -25.95 74.14 -4.31
CA ALA C 189 -27.28 74.59 -3.95
C ALA C 189 -27.28 76.07 -3.54
N GLU C 190 -26.43 76.41 -2.59
CA GLU C 190 -26.36 77.79 -2.10
C GLU C 190 -25.77 78.79 -3.10
N THR C 191 -25.07 78.30 -4.12
CA THR C 191 -24.61 79.18 -5.20
C THR C 191 -25.82 79.63 -6.00
N ARG C 192 -26.66 78.66 -6.36
CA ARG C 192 -27.85 78.87 -7.14
C ARG C 192 -28.79 79.87 -6.47
N SER C 193 -29.10 79.61 -5.19
CA SER C 193 -30.01 80.45 -4.42
C SER C 193 -29.47 81.87 -4.33
N ARG C 194 -28.18 81.97 -4.07
CA ARG C 194 -27.52 83.25 -3.91
C ARG C 194 -27.45 83.99 -5.25
N ASN C 195 -27.21 83.24 -6.32
CA ASN C 195 -27.18 83.86 -7.65
C ASN C 195 -28.55 84.35 -8.06
N GLU C 196 -29.59 83.67 -7.57
CA GLU C 196 -30.95 84.12 -7.83
C GLU C 196 -31.26 85.37 -7.00
N ALA C 197 -30.70 85.43 -5.79
CA ALA C 197 -30.88 86.60 -4.94
C ALA C 197 -30.14 87.83 -5.48
N LEU C 198 -29.14 87.59 -6.32
CA LEU C 198 -28.41 88.68 -6.97
C LEU C 198 -29.16 89.19 -8.19
N ARG C 199 -29.95 88.32 -8.82
CA ARG C 199 -30.67 88.68 -10.03
C ARG C 199 -31.91 89.49 -9.68
N VAL C 200 -32.34 89.38 -8.43
CA VAL C 200 -33.55 90.05 -7.95
C VAL C 200 -33.20 91.43 -7.38
N MLY C 201 -32.02 91.53 -6.78
CA MLY C 201 -31.51 92.79 -6.28
CB MLY C 201 -30.30 92.57 -5.37
CG MLY C 201 -29.74 93.84 -4.77
CD MLY C 201 -28.33 93.62 -4.22
CE MLY C 201 -28.23 94.04 -2.77
NZ MLY C 201 -29.07 93.17 -1.89
CH1 MLY C 201 -28.32 91.93 -1.69
CH2 MLY C 201 -29.16 93.84 -0.59
C MLY C 201 -31.12 93.69 -7.45
O MLY C 201 -31.24 94.90 -7.37
N MLY C 202 -30.68 93.07 -8.54
CA MLY C 202 -30.22 93.82 -9.70
CB MLY C 202 -29.12 93.05 -10.44
CG MLY C 202 -27.76 93.03 -9.75
CD MLY C 202 -26.78 93.97 -10.43
CE MLY C 202 -25.35 93.69 -9.95
NZ MLY C 202 -24.33 94.50 -10.68
CH1 MLY C 202 -23.03 94.14 -10.13
CH2 MLY C 202 -24.35 94.03 -12.08
C MLY C 202 -31.34 94.19 -10.67
O MLY C 202 -31.08 94.67 -11.77
N MLY C 203 -32.58 93.98 -10.25
CA MLY C 203 -33.73 94.27 -11.10
CB MLY C 203 -34.53 93.00 -11.39
CG MLY C 203 -35.33 93.06 -12.67
CD MLY C 203 -34.39 93.22 -13.87
CE MLY C 203 -34.82 94.39 -14.75
NZ MLY C 203 -36.05 94.10 -15.52
CH1 MLY C 203 -36.72 95.38 -15.78
CH2 MLY C 203 -35.60 93.59 -16.83
C MLY C 203 -34.62 95.34 -10.47
O MLY C 203 -35.32 96.07 -11.18
N MET C 204 -34.59 95.42 -9.14
CA MET C 204 -35.50 96.31 -8.43
C MET C 204 -34.77 97.48 -7.76
N GLU C 205 -33.44 97.45 -7.80
CA GLU C 205 -32.65 98.55 -7.24
C GLU C 205 -32.75 99.81 -8.09
N GLY D 4 11.88 8.07 -0.44
CA GLY D 4 11.10 7.48 0.62
C GLY D 4 11.45 8.06 1.98
N GLU D 5 10.66 7.73 2.99
CA GLU D 5 10.92 8.20 4.35
C GLU D 5 11.22 7.01 5.25
N ARG D 6 11.67 7.29 6.47
CA ARG D 6 11.97 6.23 7.43
C ARG D 6 11.80 6.68 8.88
N MLY D 7 11.66 5.74 9.78
CA MLY D 7 11.60 6.03 11.21
CB MLY D 7 10.17 5.97 11.71
CG MLY D 7 10.05 6.13 13.22
CD MLY D 7 10.29 7.57 13.64
CE MLY D 7 10.21 7.71 15.16
NZ MLY D 7 10.21 9.13 15.60
CH1 MLY D 7 10.49 9.11 17.04
CH2 MLY D 7 11.35 9.80 14.97
C MLY D 7 12.46 5.06 12.03
O MLY D 7 12.29 3.84 11.95
N ILE D 8 13.38 5.63 12.81
CA ILE D 8 14.28 4.82 13.63
C ILE D 8 13.93 4.95 15.11
N SER D 9 13.33 3.89 15.65
CA SER D 9 12.89 3.86 17.04
C SER D 9 13.73 2.89 17.88
N ARG D 10 13.64 3.01 19.20
CA ARG D 10 14.36 2.13 20.11
C ARG D 10 13.42 1.19 20.83
N ILE D 11 13.68 -0.11 20.74
CA ILE D 11 12.80 -1.12 21.34
C ILE D 11 13.57 -2.06 22.27
N HIS D 12 12.89 -2.61 23.26
CA HIS D 12 13.48 -3.59 24.18
C HIS D 12 12.87 -4.98 24.02
N LEU D 13 13.69 -5.96 23.65
CA LEU D 13 13.22 -7.34 23.56
C LEU D 13 13.12 -7.97 24.95
N VAL D 14 12.22 -8.92 25.12
CA VAL D 14 12.09 -9.60 26.41
C VAL D 14 13.29 -10.51 26.60
N SER D 15 13.80 -11.04 25.50
CA SER D 15 15.09 -11.73 25.49
C SER D 15 16.19 -10.68 25.44
N GLU D 16 17.11 -10.73 26.40
CA GLU D 16 18.14 -9.70 26.54
C GLU D 16 17.50 -8.32 26.79
N PRO D 17 16.75 -8.17 27.90
CA PRO D 17 16.11 -6.90 28.24
C PRO D 17 17.12 -5.80 28.58
N SER D 18 18.33 -6.23 28.92
CA SER D 18 19.42 -5.32 29.26
C SER D 18 19.89 -4.51 28.05
N ILE D 19 19.80 -5.10 26.87
CA ILE D 19 20.27 -4.48 25.64
C ILE D 19 19.16 -3.71 24.91
N THR D 20 19.44 -2.46 24.59
CA THR D 20 18.57 -1.64 23.76
C THR D 20 18.76 -1.97 22.28
N HIS D 21 17.69 -2.38 21.62
CA HIS D 21 17.74 -2.64 20.18
C HIS D 21 17.20 -1.46 19.38
N PHE D 22 17.61 -1.35 18.13
CA PHE D 22 17.12 -0.28 17.26
C PHE D 22 16.25 -0.85 16.16
N LEU D 23 15.12 -0.19 15.92
CA LEU D 23 14.18 -0.62 14.91
C LEU D 23 14.06 0.44 13.84
N GLN D 24 14.36 0.08 12.60
CA GLN D 24 14.32 1.02 11.49
C GLN D 24 13.28 0.63 10.45
N VAL D 25 12.22 1.41 10.33
CA VAL D 25 11.19 1.12 9.35
C VAL D 25 11.21 2.17 8.25
N SER D 26 11.35 1.74 7.01
CA SER D 26 11.38 2.65 5.88
C SER D 26 10.31 2.32 4.84
N TRP D 27 9.68 3.36 4.30
CA TRP D 27 8.65 3.20 3.27
C TRP D 27 8.74 4.34 2.27
N GLU D 28 8.20 4.11 1.07
CA GLU D 28 8.26 5.11 0.01
C GLU D 28 7.18 6.18 0.15
N MLY D 29 5.93 5.76 0.33
CA MLY D 29 4.80 6.68 0.37
CB MLY D 29 3.90 6.47 -0.84
CG MLY D 29 4.61 6.56 -2.19
CD MLY D 29 3.65 6.23 -3.32
CE MLY D 29 2.43 7.16 -3.28
NZ MLY D 29 1.26 6.54 -3.96
CH1 MLY D 29 0.80 5.45 -3.09
CH2 MLY D 29 0.20 7.56 -3.97
C MLY D 29 3.97 6.54 1.65
O MLY D 29 3.76 7.50 2.38
N THR D 30 3.49 5.32 1.89
CA THR D 30 2.72 5.01 3.08
C THR D 30 2.97 3.57 3.51
N LEU D 31 2.68 3.26 4.77
CA LEU D 31 2.84 1.91 5.29
C LEU D 31 1.99 0.90 4.51
N GLU D 32 0.83 1.37 4.06
CA GLU D 32 -0.11 0.53 3.32
C GLU D 32 0.52 -0.08 2.06
N SER D 33 1.40 0.69 1.42
CA SER D 33 2.04 0.24 0.19
C SER D 33 3.20 -0.73 0.46
N GLY D 34 3.50 -0.96 1.73
CA GLY D 34 4.59 -1.85 2.09
C GLY D 34 5.71 -1.12 2.80
N PHE D 35 6.55 -1.86 3.52
CA PHE D 35 7.65 -1.27 4.26
C PHE D 35 8.77 -2.26 4.52
N VAL D 36 9.99 -1.75 4.63
CA VAL D 36 11.15 -2.55 4.97
C VAL D 36 11.50 -2.34 6.43
N ILE D 37 11.78 -3.42 7.16
CA ILE D 37 12.05 -3.32 8.60
C ILE D 37 13.39 -3.93 8.96
N THR D 38 14.16 -3.22 9.77
CA THR D 38 15.49 -3.69 10.13
C THR D 38 15.73 -3.61 11.63
N LEU D 39 16.10 -4.75 12.23
CA LEU D 39 16.45 -4.78 13.63
C LEU D 39 17.97 -4.88 13.76
N THR D 40 18.54 -4.14 14.71
CA THR D 40 19.99 -4.18 14.93
C THR D 40 20.38 -3.91 16.39
N ASP D 41 21.44 -4.58 16.83
CA ASP D 41 21.97 -4.41 18.17
C ASP D 41 23.31 -3.66 18.19
N GLY D 42 23.67 -3.08 17.05
CA GLY D 42 24.92 -2.37 16.93
C GLY D 42 26.00 -3.27 16.34
N HIS D 43 25.71 -4.56 16.27
CA HIS D 43 26.67 -5.51 15.74
C HIS D 43 26.10 -6.28 14.57
N SER D 44 24.93 -6.85 14.78
CA SER D 44 24.26 -7.62 13.73
C SER D 44 23.00 -6.89 13.27
N ALA D 45 22.48 -7.32 12.12
CA ALA D 45 21.29 -6.70 11.56
C ALA D 45 20.40 -7.75 10.88
N TRP D 46 19.09 -7.65 11.11
CA TRP D 46 18.13 -8.53 10.48
C TRP D 46 17.10 -7.72 9.69
N THR D 47 17.02 -7.96 8.40
CA THR D 47 16.11 -7.20 7.54
C THR D 47 15.07 -8.09 6.87
N GLY D 48 13.81 -7.63 6.89
CA GLY D 48 12.74 -8.32 6.20
C GLY D 48 11.88 -7.34 5.44
N THR D 49 11.32 -7.79 4.33
CA THR D 49 10.42 -6.95 3.53
C THR D 49 8.96 -7.36 3.68
N VAL D 50 8.10 -6.40 4.02
CA VAL D 50 6.68 -6.65 4.17
C VAL D 50 5.87 -5.95 3.08
N SER D 51 5.17 -6.72 2.26
CA SER D 51 4.40 -6.14 1.16
C SER D 51 2.97 -5.79 1.57
N GLU D 52 2.28 -5.05 0.71
CA GLU D 52 0.87 -4.69 0.96
C GLU D 52 0.00 -5.94 1.10
N SER D 53 0.18 -6.90 0.20
CA SER D 53 -0.62 -8.10 0.19
C SER D 53 -0.46 -8.89 1.47
N GLU D 54 0.76 -8.92 2.00
CA GLU D 54 1.05 -9.64 3.23
C GLU D 54 0.48 -8.90 4.44
N ILE D 55 0.45 -7.57 4.37
CA ILE D 55 -0.17 -6.77 5.42
C ILE D 55 -1.65 -7.09 5.52
N SER D 56 -2.32 -7.07 4.37
CA SER D 56 -3.74 -7.40 4.29
C SER D 56 -4.02 -8.83 4.74
N GLN D 57 -3.17 -9.76 4.30
CA GLN D 57 -3.36 -11.17 4.62
C GLN D 57 -3.22 -11.46 6.11
N GLU D 58 -2.18 -10.92 6.73
CA GLU D 58 -1.96 -11.10 8.16
C GLU D 58 -3.00 -10.34 8.98
N ALA D 59 -3.55 -9.28 8.38
CA ALA D 59 -4.63 -8.52 9.02
C ALA D 59 -5.91 -9.35 9.00
N ASP D 60 -6.08 -10.11 7.93
CA ASP D 60 -7.26 -10.96 7.75
C ASP D 60 -7.13 -12.24 8.56
N ASP D 61 -5.90 -12.63 8.87
CA ASP D 61 -5.67 -13.77 9.73
C ASP D 61 -6.14 -13.43 11.15
N MET D 62 -6.07 -12.15 11.50
CA MET D 62 -6.65 -11.66 12.74
C MET D 62 -8.11 -11.27 12.51
N ALA D 63 -8.51 -11.29 11.24
CA ALA D 63 -9.81 -10.82 10.79
C ALA D 63 -10.02 -9.38 11.24
N MET D 64 -9.01 -8.55 11.01
CA MET D 64 -9.06 -7.14 11.37
C MET D 64 -9.09 -6.29 10.12
N GLU D 65 -9.71 -5.11 10.21
CA GLU D 65 -9.66 -4.13 9.14
C GLU D 65 -8.24 -3.64 8.91
N MLY D 66 -7.90 -3.45 7.63
CA MLY D 66 -6.56 -3.03 7.23
CB MLY D 66 -6.45 -2.98 5.70
CG MLY D 66 -6.86 -4.26 5.00
CD MLY D 66 -6.62 -4.13 3.51
CE MLY D 66 -5.16 -3.78 3.22
NZ MLY D 66 -4.95 -3.26 1.85
CH1 MLY D 66 -3.51 -2.97 1.73
CH2 MLY D 66 -5.24 -4.35 0.91
C MLY D 66 -6.19 -1.66 7.80
O MLY D 66 -5.09 -1.49 8.33
N GLY D 67 -7.12 -0.72 7.70
CA GLY D 67 -6.88 0.63 8.21
C GLY D 67 -6.69 0.66 9.71
N MLY D 68 -7.33 -0.27 10.41
CA MLY D 68 -7.21 -0.35 11.86
CB MLY D 68 -8.44 -1.03 12.47
CG MLY D 68 -9.79 -0.46 12.00
CD MLY D 68 -9.82 1.06 12.05
CE MLY D 68 -9.70 1.59 13.48
NZ MLY D 68 -8.94 2.87 13.52
CH1 MLY D 68 -9.69 3.87 12.76
CH2 MLY D 68 -8.93 3.32 14.92
C MLY D 68 -5.95 -1.12 12.25
O MLY D 68 -5.30 -0.79 13.24
N TYR D 69 -5.60 -2.12 11.45
CA TYR D 69 -4.44 -2.94 11.72
C TYR D 69 -3.17 -2.15 11.40
N VAL D 70 -3.19 -1.43 10.29
CA VAL D 70 -2.07 -0.56 9.91
C VAL D 70 -1.89 0.51 10.98
N GLY D 71 -3.01 0.99 11.53
CA GLY D 71 -2.98 1.96 12.61
C GLY D 71 -2.21 1.42 13.80
N GLU D 72 -2.39 0.14 14.08
CA GLU D 72 -1.62 -0.54 15.13
C GLU D 72 -0.14 -0.65 14.80
N LEU D 73 0.17 -0.90 13.53
CA LEU D 73 1.55 -0.95 13.07
C LEU D 73 2.24 0.40 13.26
N ARG D 74 1.53 1.48 12.94
CA ARG D 74 2.07 2.82 13.10
C ARG D 74 2.36 3.18 14.55
N MLY D 75 1.47 2.77 15.45
CA MLY D 75 1.63 3.09 16.88
CB MLY D 75 0.33 2.83 17.64
CG MLY D 75 -0.88 3.63 17.17
CD MLY D 75 -2.10 3.31 18.01
CE MLY D 75 -3.39 3.66 17.28
NZ MLY D 75 -3.49 5.11 16.96
CH1 MLY D 75 -4.67 5.28 16.11
CH2 MLY D 75 -3.79 5.80 18.23
C MLY D 75 2.77 2.28 17.51
O MLY D 75 3.53 2.80 18.32
N ALA D 76 2.88 1.02 17.10
CA ALA D 76 3.82 0.09 17.71
C ALA D 76 5.23 0.22 17.15
N LEU D 77 5.34 0.41 15.84
CA LEU D 77 6.64 0.36 15.18
C LEU D 77 7.26 1.74 15.00
N LEU D 78 6.48 2.79 15.22
CA LEU D 78 6.96 4.15 15.03
C LEU D 78 6.83 4.99 16.30
N SER D 79 6.64 4.31 17.44
CA SER D 79 6.49 4.96 18.74
C SER D 79 5.39 6.02 18.74
N VAL D 86 0.86 0.00 25.70
CA VAL D 86 2.18 -0.60 25.86
C VAL D 86 2.35 -1.83 24.98
N TYR D 87 3.45 -1.85 24.21
CA TYR D 87 3.77 -2.93 23.29
C TYR D 87 4.95 -3.78 23.73
N THR D 88 4.90 -5.07 23.41
CA THR D 88 5.97 -6.01 23.77
C THR D 88 6.57 -6.59 22.49
N PHE D 89 7.89 -6.56 22.39
CA PHE D 89 8.57 -6.99 21.17
C PHE D 89 9.40 -8.26 21.41
N ASN D 90 9.38 -9.16 20.44
CA ASN D 90 10.09 -10.43 20.54
C ASN D 90 10.81 -10.80 19.25
N PHE D 91 12.03 -11.31 19.38
CA PHE D 91 12.78 -11.76 18.21
C PHE D 91 13.49 -13.08 18.49
N SER D 92 13.46 -13.97 17.52
CA SER D 92 14.18 -15.23 17.59
C SER D 92 15.24 -15.30 16.49
N MLY D 93 16.50 -15.35 16.89
CA MLY D 93 17.61 -15.38 15.95
CB MLY D 93 18.92 -15.00 16.65
CG MLY D 93 18.72 -14.45 18.06
CD MLY D 93 19.63 -13.26 18.34
CE MLY D 93 19.33 -12.65 19.72
NZ MLY D 93 20.06 -11.37 20.02
CH1 MLY D 93 21.50 -11.58 19.84
CH2 MLY D 93 19.63 -10.37 19.02
C MLY D 93 17.73 -16.77 15.32
O MLY D 93 18.40 -16.94 14.30
N GLU D 94 17.07 -17.74 15.93
CA GLU D 94 17.07 -19.11 15.44
C GLU D 94 16.25 -19.20 14.16
N SER D 95 14.99 -18.76 14.25
CA SER D 95 14.06 -18.79 13.13
C SER D 95 14.04 -17.49 12.32
N CYS D 96 14.83 -16.51 12.76
CA CYS D 96 14.83 -15.16 12.17
C CYS D 96 13.41 -14.59 12.14
N TYR D 97 12.71 -14.76 13.25
CA TYR D 97 11.29 -14.47 13.34
C TYR D 97 10.99 -13.35 14.32
N PHE D 98 10.50 -12.23 13.81
CA PHE D 98 10.23 -11.07 14.65
C PHE D 98 8.74 -10.86 14.80
N PHE D 99 8.24 -11.08 16.01
CA PHE D 99 6.82 -10.87 16.30
C PHE D 99 6.65 -9.96 17.51
N PHE D 100 5.53 -9.25 17.56
CA PHE D 100 5.26 -8.30 18.65
C PHE D 100 3.81 -8.31 19.08
N GLU D 101 3.57 -8.03 20.36
CA GLU D 101 2.22 -8.08 20.91
C GLU D 101 1.82 -6.75 21.56
N MLY D 102 0.52 -6.45 21.54
CA MLY D 102 0.01 -5.29 22.26
CB MLY D 102 -1.08 -4.56 21.47
CG MLY D 102 -1.58 -3.29 22.18
CD MLY D 102 -2.73 -2.60 21.45
CE MLY D 102 -3.05 -1.25 22.11
NZ MLY D 102 -4.40 -0.69 21.75
CH1 MLY D 102 -4.78 0.23 22.84
CH2 MLY D 102 -4.25 0.16 20.56
C MLY D 102 -0.53 -5.73 23.61
O MLY D 102 -1.36 -6.65 23.70
N ASN D 103 -0.05 -5.09 24.66
CA ASN D 103 -0.53 -5.36 26.01
C ASN D 103 -1.75 -4.51 26.33
N LEU D 104 -2.65 -5.09 27.12
CA LEU D 104 -3.86 -4.40 27.56
C LEU D 104 -4.11 -4.78 29.01
N MLY D 105 -5.24 -4.33 29.56
CA MLY D 105 -5.57 -4.62 30.95
CB MLY D 105 -6.73 -3.73 31.42
CG MLY D 105 -6.31 -2.32 31.80
CD MLY D 105 -6.36 -2.12 33.31
CE MLY D 105 -5.77 -0.78 33.73
NZ MLY D 105 -5.95 -0.52 35.18
CH1 MLY D 105 -4.61 -0.41 35.77
CH2 MLY D 105 -6.58 0.80 35.31
C MLY D 105 -5.89 -6.10 31.15
O MLY D 105 -6.98 -6.57 30.81
N ASP D 106 -4.91 -6.82 31.70
CA ASP D 106 -5.00 -8.25 32.01
C ASP D 106 -5.11 -9.14 30.75
N VAL D 107 -4.67 -8.62 29.61
CA VAL D 107 -4.69 -9.40 28.36
C VAL D 107 -3.59 -8.92 27.41
N SER D 108 -2.99 -9.86 26.66
CA SER D 108 -2.00 -9.52 25.64
C SER D 108 -2.12 -10.49 24.47
N PHE D 109 -2.16 -9.93 23.26
CA PHE D 109 -2.43 -10.73 22.06
C PHE D 109 -1.39 -10.51 20.96
N ARG D 110 -1.08 -11.57 20.23
CA ARG D 110 -0.16 -11.51 19.10
C ARG D 110 -0.65 -10.51 18.05
N LEU D 111 0.14 -9.47 17.81
CA LEU D 111 -0.27 -8.39 16.93
C LEU D 111 0.39 -8.44 15.54
N GLY D 112 1.59 -8.98 15.46
CA GLY D 112 2.29 -9.09 14.18
C GLY D 112 3.43 -10.09 14.20
N SER D 113 3.86 -10.56 13.02
CA SER D 113 4.99 -11.48 12.90
C SER D 113 5.64 -11.45 11.52
N PHE D 114 6.95 -11.21 11.48
CA PHE D 114 7.64 -11.10 10.19
C PHE D 114 8.94 -11.89 10.14
N ASN D 115 9.29 -12.38 8.96
CA ASN D 115 10.54 -13.09 8.75
C ASN D 115 11.63 -12.10 8.33
N LEU D 116 12.75 -12.13 9.04
CA LEU D 116 13.84 -11.19 8.78
C LEU D 116 15.14 -11.87 8.34
N GLU D 117 15.56 -11.61 7.10
CA GLU D 117 16.84 -12.12 6.61
C GLU D 117 17.98 -11.54 7.44
N MLY D 118 18.93 -12.38 7.82
CA MLY D 118 20.12 -11.90 8.52
CB MLY D 118 20.77 -13.02 9.32
CG MLY D 118 22.00 -12.61 10.10
CD MLY D 118 22.66 -13.82 10.73
CE MLY D 118 22.96 -13.59 12.20
NZ MLY D 118 24.40 -13.31 12.43
CH1 MLY D 118 24.59 -13.35 13.89
CH2 MLY D 118 25.16 -14.43 11.86
C MLY D 118 21.11 -11.33 7.52
O MLY D 118 21.72 -12.07 6.74
N VAL D 119 21.26 -10.01 7.53
CA VAL D 119 22.16 -9.30 6.62
C VAL D 119 23.60 -9.78 6.77
N GLU D 120 24.29 -9.99 5.66
CA GLU D 120 25.66 -10.50 5.70
C GLU D 120 26.69 -9.41 5.99
N ASN D 121 26.30 -8.16 5.79
CA ASN D 121 27.18 -7.04 6.12
C ASN D 121 26.43 -6.00 6.94
N PRO D 122 26.30 -6.25 8.25
CA PRO D 122 25.57 -5.37 9.17
C PRO D 122 26.22 -3.99 9.31
N ALA D 123 27.55 -3.94 9.28
CA ALA D 123 28.26 -2.67 9.45
C ALA D 123 27.82 -1.63 8.42
N GLU D 124 27.59 -2.05 7.19
CA GLU D 124 27.14 -1.13 6.15
C GLU D 124 25.79 -0.55 6.52
N VAL D 125 24.89 -1.43 6.93
CA VAL D 125 23.56 -1.03 7.38
C VAL D 125 23.64 -0.06 8.55
N ILE D 126 24.49 -0.39 9.52
CA ILE D 126 24.66 0.45 10.70
C ILE D 126 25.24 1.81 10.33
N ARG D 127 26.24 1.81 9.45
CA ARG D 127 26.81 3.06 8.97
C ARG D 127 25.79 3.94 8.27
N GLU D 128 24.96 3.32 7.43
CA GLU D 128 23.90 4.05 6.71
C GLU D 128 22.94 4.70 7.69
N LEU D 129 22.60 3.97 8.74
CA LEU D 129 21.72 4.46 9.79
C LEU D 129 22.30 5.70 10.44
N ILE D 130 23.56 5.62 10.84
CA ILE D 130 24.24 6.75 11.48
C ILE D 130 24.30 7.96 10.54
N CYS D 131 24.61 7.71 9.27
CA CYS D 131 24.62 8.76 8.25
C CYS D 131 23.27 9.47 8.17
N TYR D 132 22.19 8.70 8.20
CA TYR D 132 20.85 9.26 8.16
C TYR D 132 20.62 10.20 9.33
N CYS D 133 20.97 9.74 10.54
CA CYS D 133 20.82 10.55 11.73
C CYS D 133 21.60 11.84 11.63
N LEU D 134 22.86 11.73 11.19
CA LEU D 134 23.72 12.89 11.08
C LEU D 134 23.21 13.89 10.04
N ASP D 135 22.83 13.39 8.86
CA ASP D 135 22.29 14.24 7.80
C ASP D 135 21.03 14.96 8.28
N THR D 136 20.14 14.21 8.91
CA THR D 136 18.90 14.76 9.43
C THR D 136 19.19 15.88 10.42
N THR D 137 20.14 15.66 11.32
CA THR D 137 20.53 16.69 12.28
C THR D 137 21.14 17.91 11.57
N ALA D 138 21.92 17.66 10.51
CA ALA D 138 22.49 18.73 9.72
C ALA D 138 21.37 19.58 9.11
N GLU D 139 20.45 18.91 8.43
CA GLU D 139 19.31 19.57 7.79
C GLU D 139 18.49 20.36 8.81
N ASN D 140 18.28 19.77 9.98
CA ASN D 140 17.52 20.42 11.04
C ASN D 140 18.17 21.71 11.53
N GLN D 141 19.49 21.71 11.68
CA GLN D 141 20.19 22.93 12.10
C GLN D 141 20.16 23.99 11.01
N ALA D 142 20.22 23.54 9.75
CA ALA D 142 20.12 24.45 8.61
C ALA D 142 18.74 25.10 8.57
N MLY D 143 17.72 24.31 8.88
CA MLY D 143 16.36 24.83 9.00
CB MLY D 143 15.36 23.69 9.21
CG MLY D 143 14.84 23.02 7.94
CD MLY D 143 13.37 22.66 8.12
CE MLY D 143 12.99 21.38 7.38
NZ MLY D 143 11.54 21.02 7.55
CH1 MLY D 143 11.36 19.72 6.91
CH2 MLY D 143 11.30 20.83 8.98
C MLY D 143 16.26 25.78 10.18
O MLY D 143 15.70 26.87 10.04
N ASN D 144 16.79 25.37 11.32
CA ASN D 144 16.65 26.10 12.56
C ASN D 144 17.25 27.50 12.50
N GLU D 145 18.48 27.59 12.00
CA GLU D 145 19.13 28.89 11.83
C GLU D 145 18.39 29.75 10.81
N HIS D 146 17.97 29.14 9.71
CA HIS D 146 17.26 29.83 8.64
C HIS D 146 15.99 30.50 9.13
N LEU D 147 15.10 29.75 9.78
CA LEU D 147 13.83 30.32 10.22
C LEU D 147 14.05 31.33 11.35
N GLN D 148 15.15 31.18 12.08
CA GLN D 148 15.45 32.13 13.16
C GLN D 148 15.92 33.48 12.58
N LEU D 149 16.63 33.45 11.46
CA LEU D 149 16.99 34.66 10.74
C LEU D 149 15.72 35.32 10.19
N GLU D 150 14.88 34.50 9.56
CA GLU D 150 13.59 34.93 9.04
C GLU D 150 12.70 35.49 10.14
N PHE D 151 12.73 34.85 11.31
CA PHE D 151 11.94 35.28 12.46
C PHE D 151 12.35 36.69 12.89
N ASN D 152 13.66 36.90 13.01
CA ASN D 152 14.19 38.21 13.36
C ASN D 152 13.83 39.25 12.31
N GLN D 153 13.86 38.83 11.04
CA GLN D 153 13.58 39.74 9.94
C GLN D 153 12.11 40.17 9.90
N ILE D 154 11.19 39.24 10.13
CA ILE D 154 9.78 39.59 10.16
C ILE D 154 9.44 40.31 11.45
N MLY D 155 10.32 40.18 12.45
CA MLY D 155 10.17 40.91 13.70
CB MLY D 155 11.02 40.26 14.79
CG MLY D 155 10.52 40.47 16.21
CD MLY D 155 11.52 39.92 17.24
CE MLY D 155 10.94 39.91 18.64
NZ MLY D 155 11.96 39.55 19.68
CH1 MLY D 155 11.24 39.34 20.95
CH2 MLY D 155 12.53 38.25 19.33
C MLY D 155 10.62 42.35 13.48
O MLY D 155 10.40 43.22 14.32
N ALA D 156 11.23 42.58 12.32
CA ALA D 156 11.69 43.91 11.92
C ALA D 156 10.78 44.49 10.84
N GLU D 157 10.24 43.62 9.99
CA GLU D 157 9.36 44.06 8.91
C GLU D 157 7.99 44.46 9.44
N ILE D 158 7.73 44.12 10.70
CA ILE D 158 6.49 44.50 11.35
C ILE D 158 6.59 45.98 11.73
N GLU D 159 7.78 46.39 12.16
CA GLU D 159 8.01 47.75 12.61
C GLU D 159 7.96 48.72 11.43
N ARG D 160 8.15 48.18 10.22
CA ARG D 160 8.03 48.99 9.01
C ARG D 160 6.56 49.19 8.62
N MLY D 161 5.90 48.07 8.32
CA MLY D 161 4.55 48.07 7.75
CB MLY D 161 4.12 46.64 7.42
CG MLY D 161 5.06 45.91 6.46
CD MLY D 161 4.34 45.46 5.19
CE MLY D 161 3.65 46.63 4.50
NZ MLY D 161 2.83 46.19 3.34
CH1 MLY D 161 2.16 47.39 2.81
CH2 MLY D 161 3.77 45.74 2.30
C MLY D 161 3.50 48.74 8.63
O MLY D 161 2.50 49.26 8.14
N LEU D 162 3.76 48.75 9.93
CA LEU D 162 2.92 49.48 10.87
C LEU D 162 3.17 50.98 10.75
N ALA D 163 4.46 51.32 10.71
CA ALA D 163 4.91 52.71 10.63
C ALA D 163 4.38 53.43 9.39
N GLU D 164 4.31 52.73 8.26
CA GLU D 164 3.77 53.33 7.04
C GLU D 164 2.25 53.40 7.09
N MLY D 165 1.62 52.34 7.61
CA MLY D 165 0.16 52.27 7.67
CB MLY D 165 -0.31 50.85 8.01
CG MLY D 165 -1.00 50.16 6.84
CD MLY D 165 -0.02 49.88 5.70
CE MLY D 165 -0.70 49.94 4.34
NZ MLY D 165 -1.84 48.98 4.21
CH1 MLY D 165 -2.51 49.31 2.95
CH2 MLY D 165 -1.27 47.64 4.06
C MLY D 165 -0.44 53.28 8.65
O MLY D 165 -1.64 53.56 8.59
N ASP D 166 0.39 53.85 9.53
CA ASP D 166 -0.06 54.97 10.35
C ASP D 166 -0.02 56.27 9.56
N GLU D 167 1.12 56.55 8.94
CA GLU D 167 1.30 57.80 8.20
C GLU D 167 0.32 57.90 7.02
N GLU D 168 0.17 56.82 6.27
CA GLU D 168 -0.77 56.78 5.14
C GLU D 168 -2.17 57.23 5.54
N MET D 169 -2.54 56.98 6.79
CA MET D 169 -3.78 57.48 7.36
C MET D 169 -3.66 58.99 7.61
N GLU D 170 -2.63 59.36 8.38
CA GLU D 170 -2.40 60.75 8.75
C GLU D 170 -2.24 61.65 7.53
N GLN D 171 -1.59 61.14 6.49
CA GLN D 171 -1.49 61.86 5.24
C GLN D 171 -2.88 62.04 4.66
N ALA D 172 -3.57 60.92 4.48
CA ALA D 172 -4.96 60.90 4.01
C ALA D 172 -5.85 61.80 4.86
N MLY D 173 -5.69 61.73 6.18
CA MLY D 173 -6.44 62.56 7.11
CB MLY D 173 -6.15 62.16 8.57
CG MLY D 173 -6.78 63.08 9.62
CD MLY D 173 -7.11 62.34 10.91
CE MLY D 173 -8.09 61.20 10.62
NZ MLY D 173 -8.75 60.64 11.84
CH1 MLY D 173 -10.10 61.18 11.89
CH2 MLY D 173 -8.89 59.19 11.62
C MLY D 173 -6.15 64.06 6.91
O MLY D 173 -7.05 64.88 7.01
N ARG D 174 -4.90 64.39 6.58
CA ARG D 174 -4.49 65.77 6.33
C ARG D 174 -5.16 66.25 5.05
N ASN D 175 -5.07 65.40 4.04
CA ASN D 175 -5.69 65.64 2.74
C ASN D 175 -7.17 65.85 2.91
N HIS D 176 -7.80 64.96 3.68
CA HIS D 176 -9.22 65.03 3.99
C HIS D 176 -9.57 66.40 4.57
N LEU D 177 -8.84 66.83 5.60
CA LEU D 177 -9.07 68.12 6.23
C LEU D 177 -8.97 69.27 5.22
N ARG D 178 -7.85 69.30 4.50
CA ARG D 178 -7.62 70.36 3.52
C ARG D 178 -8.78 70.49 2.53
N VAL D 179 -9.21 69.36 1.95
CA VAL D 179 -10.33 69.35 1.00
C VAL D 179 -11.61 69.91 1.63
N VAL D 180 -11.99 69.36 2.78
CA VAL D 180 -13.16 69.83 3.53
C VAL D 180 -13.05 71.29 3.93
N ASP D 181 -11.88 71.69 4.44
CA ASP D 181 -11.66 73.05 4.93
C ASP D 181 -11.99 74.09 3.87
N SER D 182 -11.67 73.79 2.60
CA SER D 182 -11.94 74.72 1.51
C SER D 182 -13.43 74.78 1.23
N LEU D 183 -14.04 73.61 1.05
CA LEU D 183 -15.48 73.49 0.77
C LEU D 183 -16.34 74.18 1.83
N GLN D 184 -16.09 73.86 3.09
CA GLN D 184 -16.78 74.51 4.21
C GLN D 184 -16.67 76.04 4.20
N THR D 185 -15.46 76.55 4.04
CA THR D 185 -15.25 78.00 3.99
C THR D 185 -15.96 78.62 2.80
N SER D 186 -15.81 78.04 1.61
CA SER D 186 -16.48 78.54 0.42
C SER D 186 -18.00 78.43 0.57
N LEU D 187 -18.44 77.53 1.45
CA LEU D 187 -19.85 77.38 1.78
C LEU D 187 -20.30 78.54 2.66
N ASP D 188 -19.62 78.71 3.79
CA ASP D 188 -19.94 79.76 4.77
C ASP D 188 -19.93 81.13 4.12
N ALA D 189 -18.91 81.40 3.31
CA ALA D 189 -18.83 82.64 2.54
C ALA D 189 -20.11 82.88 1.76
N GLU D 190 -20.54 81.87 1.01
CA GLU D 190 -21.73 81.98 0.18
C GLU D 190 -23.03 82.09 0.97
N THR D 191 -22.99 81.75 2.25
CA THR D 191 -24.11 81.98 3.15
C THR D 191 -24.21 83.48 3.39
N ARG D 192 -23.05 84.11 3.59
CA ARG D 192 -22.97 85.53 3.93
C ARG D 192 -23.76 86.38 2.93
N SER D 193 -23.47 86.21 1.64
CA SER D 193 -24.18 86.93 0.60
C SER D 193 -25.68 86.64 0.60
N ARG D 194 -26.05 85.37 0.76
CA ARG D 194 -27.45 84.95 0.68
C ARG D 194 -28.31 85.40 1.86
N ASN D 195 -27.81 85.27 3.09
CA ASN D 195 -28.58 85.70 4.26
C ASN D 195 -28.63 87.23 4.33
N GLU D 196 -27.65 87.88 3.70
CA GLU D 196 -27.60 89.34 3.59
C GLU D 196 -28.70 89.88 2.67
N ALA D 197 -29.12 89.05 1.72
CA ALA D 197 -30.18 89.40 0.78
C ALA D 197 -31.51 89.64 1.51
N LEU D 198 -31.57 89.22 2.77
CA LEU D 198 -32.73 89.44 3.62
C LEU D 198 -32.83 90.88 4.11
#